data_1AI4
#
_entry.id   1AI4
#
_cell.length_a   52.120
_cell.length_b   65.080
_cell.length_c   76.300
_cell.angle_alpha   100.20
_cell.angle_beta   111.44
_cell.angle_gamma   105.81
#
_symmetry.space_group_name_H-M   'P 1'
#
loop_
_entity.id
_entity.type
_entity.pdbx_description
1 polymer 'PENICILLIN AMIDOHYDROLASE'
2 polymer 'PENICILLIN AMIDOHYDROLASE'
3 non-polymer 'CALCIUM ION'
4 non-polymer '2-(3,4-DIHYDROXYPHENYL)ACETIC ACID'
5 water water
#
loop_
_entity_poly.entity_id
_entity_poly.type
_entity_poly.pdbx_seq_one_letter_code
_entity_poly.pdbx_strand_id
1 'polypeptide(L)'
;EQSSSEIKIVRDEYGMPHIYANDTWHLFYGYGYVVAQDRLFQMEMARRSTQGTVAEVLGKDFVKFDKDIRRNYWPDAIRA
QIAALSPEDMSILQGYADGMNAWIDKVNTNPETLLPKQFNTFGFTPKRWEPFDVAMIFVGTMANRFSDSTSEIDNLALLT
ALKDKYGVSQGMAVFNQLKWLVNPSAPTTIAVQESNYPLKFNQQNSQTA
;
A
2 'polypeptide(L)'
;SNMWVIGKSKAQDAKAIMVNGPQFGWYAPAYTYGIGLHGAGYDVTGNTPFAYPGLVFGHNGVISWGSTAGFGDDVDIFAE
RLSAEKPGYYLHNGKWVKMLSREETITVKNGQAETFTVWRTVHGNILQTDQTTQTAYAKSRAWDGKEVASLLAWTHQMKA
KNWQQWTQQAAKQALTINWYYADVNGNIGYVHTGAYPDRQSGHDPRLPVPGTGKWDWKGLLPFEMNPKVYNPQSGYIANW
NNSPQKDYPASDLFAFLWGGADRVTEIDRLLEQKPRLTADQAWDVIRQTSRQDLNLRLFLPTLQAATSGLTQSDPRRQLV
ETLTRWDGINLLNDDGKTWQQPGSAILNVWLTSMLKRTVVAAVPMPFDKWYSASGYETTQDGPTGSLNISVGAKILYEAV
QGDKSPIPQAVDLFAGKPQQEVVLAALEDTWETLSKRYGNNVSNWKTPAMALTFRANNFFGVPQAAAEETRHQAEYQNRG
TENDMIVFSPTTSDRPVLAWDVVAPGQSGFIAPDGTVDKHYEDQLKMYENFGRKSLWLTKQDVEAHKESQEVLHVQR
;
B
#
# COMPACT_ATOMS: atom_id res chain seq x y z
N SER A 3 -11.25 13.74 -37.74
CA SER A 3 -11.96 14.74 -36.91
C SER A 3 -11.33 15.00 -35.54
N SER A 4 -10.91 16.26 -35.36
CA SER A 4 -10.41 16.76 -34.09
C SER A 4 -11.47 16.76 -32.98
N SER A 5 -12.76 16.81 -33.30
CA SER A 5 -13.79 16.97 -32.30
C SER A 5 -14.39 15.62 -31.90
N GLU A 6 -14.02 14.57 -32.59
CA GLU A 6 -14.59 13.25 -32.36
C GLU A 6 -13.91 12.47 -31.22
N ILE A 7 -14.73 11.92 -30.32
CA ILE A 7 -14.21 10.98 -29.32
C ILE A 7 -14.89 9.63 -29.50
N LYS A 8 -14.17 8.60 -29.81
CA LYS A 8 -14.77 7.27 -29.99
C LYS A 8 -14.52 6.38 -28.74
N ILE A 9 -15.56 5.82 -28.19
CA ILE A 9 -15.50 4.92 -27.04
C ILE A 9 -15.95 3.49 -27.39
N VAL A 10 -15.03 2.53 -27.34
CA VAL A 10 -15.31 1.12 -27.60
C VAL A 10 -15.21 0.33 -26.29
N ARG A 11 -16.28 -0.32 -25.89
CA ARG A 11 -16.26 -1.14 -24.66
C ARG A 11 -16.10 -2.63 -25.00
N ASP A 12 -15.23 -3.38 -24.29
CA ASP A 12 -15.08 -4.78 -24.70
C ASP A 12 -16.08 -5.71 -24.05
N GLU A 13 -15.83 -7.00 -24.14
CA GLU A 13 -16.73 -8.00 -23.53
C GLU A 13 -16.73 -7.92 -22.02
N TYR A 14 -15.71 -7.30 -21.38
CA TYR A 14 -15.85 -7.15 -19.94
C TYR A 14 -16.30 -5.76 -19.62
N GLY A 15 -16.61 -4.92 -20.62
CA GLY A 15 -17.19 -3.61 -20.25
C GLY A 15 -16.04 -2.62 -20.14
N MET A 16 -14.82 -3.08 -20.47
CA MET A 16 -13.68 -2.15 -20.38
C MET A 16 -13.65 -1.17 -21.54
N PRO A 17 -13.65 0.12 -21.27
CA PRO A 17 -13.59 1.20 -22.21
C PRO A 17 -12.23 1.40 -22.84
N HIS A 18 -12.14 1.59 -24.14
CA HIS A 18 -11.01 2.06 -24.90
C HIS A 18 -11.32 3.42 -25.59
N ILE A 19 -10.52 4.43 -25.32
CA ILE A 19 -10.74 5.79 -25.78
C ILE A 19 -9.86 6.12 -26.97
N TYR A 20 -10.51 6.55 -28.06
CA TYR A 20 -9.81 6.98 -29.27
C TYR A 20 -10.13 8.47 -29.47
N ALA A 21 -9.11 9.30 -29.48
CA ALA A 21 -9.33 10.74 -29.66
C ALA A 21 -8.04 11.32 -30.24
N ASN A 22 -8.06 12.56 -30.71
CA ASN A 22 -6.90 13.10 -31.41
C ASN A 22 -6.05 14.05 -30.62
N ASP A 23 -6.59 14.64 -29.55
CA ASP A 23 -5.69 15.50 -28.78
C ASP A 23 -5.91 15.14 -27.31
N THR A 24 -5.09 15.75 -26.47
CA THR A 24 -5.07 15.55 -25.04
C THR A 24 -6.38 15.80 -24.35
N TRP A 25 -6.94 16.98 -24.56
CA TRP A 25 -8.21 17.34 -23.92
C TRP A 25 -9.35 16.42 -24.32
N HIS A 26 -9.39 15.96 -25.56
CA HIS A 26 -10.41 15.05 -26.06
C HIS A 26 -10.27 13.65 -25.42
N LEU A 27 -9.04 13.16 -25.39
CA LEU A 27 -8.67 11.87 -24.80
C LEU A 27 -9.03 11.76 -23.32
N PHE A 28 -8.72 12.81 -22.55
CA PHE A 28 -9.03 12.72 -21.12
C PHE A 28 -10.46 13.09 -20.83
N TYR A 29 -11.06 13.79 -21.80
CA TYR A 29 -12.50 14.05 -21.64
C TYR A 29 -13.22 12.70 -21.79
N GLY A 30 -12.83 11.88 -22.76
CA GLY A 30 -13.41 10.55 -22.90
C GLY A 30 -13.21 9.67 -21.65
N TYR A 31 -11.98 9.69 -21.08
CA TYR A 31 -11.75 8.93 -19.86
C TYR A 31 -12.65 9.37 -18.73
N GLY A 32 -12.80 10.67 -18.47
CA GLY A 32 -13.65 11.16 -17.40
C GLY A 32 -15.12 10.83 -17.55
N TYR A 33 -15.57 10.77 -18.79
CA TYR A 33 -16.92 10.53 -19.23
C TYR A 33 -17.28 9.05 -18.93
N VAL A 34 -16.39 8.11 -19.28
CA VAL A 34 -16.68 6.71 -18.94
C VAL A 34 -16.57 6.46 -17.43
N VAL A 35 -15.67 7.19 -16.74
CA VAL A 35 -15.60 7.07 -15.29
C VAL A 35 -16.91 7.48 -14.63
N ALA A 36 -17.48 8.62 -15.04
CA ALA A 36 -18.78 9.10 -14.54
C ALA A 36 -19.86 8.08 -14.89
N GLN A 37 -19.70 7.36 -16.01
CA GLN A 37 -20.68 6.33 -16.34
C GLN A 37 -20.63 5.12 -15.42
N ASP A 38 -19.41 4.67 -15.13
CA ASP A 38 -19.14 3.45 -14.39
C ASP A 38 -19.12 3.59 -12.88
N ARG A 39 -18.56 4.67 -12.33
CA ARG A 39 -18.25 4.83 -10.93
C ARG A 39 -18.60 6.17 -10.31
N LEU A 40 -19.71 6.80 -10.68
CA LEU A 40 -20.04 8.12 -10.17
C LEU A 40 -20.25 8.20 -8.67
N PHE A 41 -21.02 7.31 -8.01
CA PHE A 41 -21.11 7.40 -6.54
C PHE A 41 -19.80 7.11 -5.80
N GLN A 42 -19.02 6.16 -6.22
CA GLN A 42 -17.71 5.88 -5.65
C GLN A 42 -16.78 7.10 -5.72
N MET A 43 -16.77 7.73 -6.91
CA MET A 43 -15.93 8.89 -7.15
C MET A 43 -16.35 10.09 -6.32
N GLU A 44 -17.67 10.23 -6.12
CA GLU A 44 -18.13 11.39 -5.33
C GLU A 44 -17.84 11.18 -3.84
N MET A 45 -17.90 9.94 -3.31
CA MET A 45 -17.60 9.78 -1.88
C MET A 45 -16.07 9.82 -1.74
N ALA A 46 -15.34 9.39 -2.79
CA ALA A 46 -13.88 9.55 -2.73
C ALA A 46 -13.57 11.05 -2.70
N ARG A 47 -14.35 11.85 -3.45
CA ARG A 47 -14.07 13.31 -3.47
C ARG A 47 -14.35 13.91 -2.12
N ARG A 48 -15.43 13.54 -1.45
CA ARG A 48 -15.70 14.11 -0.13
C ARG A 48 -14.74 13.61 0.96
N SER A 49 -14.18 12.40 0.79
CA SER A 49 -13.26 11.80 1.74
C SER A 49 -11.89 12.51 1.69
N THR A 50 -11.44 12.81 0.47
CA THR A 50 -10.13 13.44 0.32
C THR A 50 -10.20 14.92 0.64
N GLN A 51 -11.39 15.52 0.76
CA GLN A 51 -11.45 16.95 1.04
C GLN A 51 -12.06 17.17 2.38
N GLY A 52 -12.62 16.16 3.05
CA GLY A 52 -13.16 16.45 4.39
C GLY A 52 -14.50 17.17 4.27
N THR A 53 -15.38 16.65 3.41
CA THR A 53 -16.74 17.20 3.33
C THR A 53 -17.77 16.07 3.45
N VAL A 54 -17.51 15.01 4.19
CA VAL A 54 -18.42 13.91 4.45
C VAL A 54 -19.56 14.29 5.39
N ALA A 55 -19.36 15.06 6.44
CA ALA A 55 -20.39 15.40 7.40
C ALA A 55 -21.56 16.20 6.83
N GLU A 56 -21.39 16.91 5.72
CA GLU A 56 -22.41 17.63 5.01
C GLU A 56 -23.53 16.69 4.55
N VAL A 57 -23.20 15.53 4.07
CA VAL A 57 -24.22 14.59 3.64
C VAL A 57 -24.36 13.50 4.69
N LEU A 58 -23.35 13.14 5.51
CA LEU A 58 -23.61 12.01 6.39
C LEU A 58 -23.74 12.43 7.85
N GLY A 59 -23.51 13.69 8.21
CA GLY A 59 -23.82 14.03 9.57
C GLY A 59 -22.70 14.03 10.58
N LYS A 60 -23.13 14.08 11.83
CA LYS A 60 -22.33 14.30 13.02
C LYS A 60 -21.29 13.24 13.28
N ASP A 61 -21.56 11.97 12.99
CA ASP A 61 -20.54 10.96 13.22
C ASP A 61 -19.28 11.25 12.41
N PHE A 62 -19.27 11.99 11.30
CA PHE A 62 -18.07 12.28 10.53
C PHE A 62 -17.42 13.62 10.73
N VAL A 63 -17.79 14.39 11.74
CA VAL A 63 -17.17 15.71 11.99
C VAL A 63 -15.71 15.56 12.39
N LYS A 64 -15.28 14.58 13.21
CA LYS A 64 -13.86 14.47 13.59
C LYS A 64 -13.03 14.05 12.38
N PHE A 65 -13.60 13.15 11.57
CA PHE A 65 -12.95 12.69 10.35
C PHE A 65 -12.67 13.91 9.47
N ASP A 66 -13.69 14.72 9.20
CA ASP A 66 -13.56 15.89 8.34
C ASP A 66 -12.51 16.87 8.88
N LYS A 67 -12.58 17.17 10.19
CA LYS A 67 -11.51 17.98 10.77
C LYS A 67 -10.15 17.32 10.59
N ASP A 68 -9.99 16.01 10.75
CA ASP A 68 -8.64 15.45 10.57
C ASP A 68 -8.16 15.57 9.12
N ILE A 69 -9.06 15.27 8.18
CA ILE A 69 -8.63 15.45 6.77
C ILE A 69 -8.17 16.89 6.53
N ARG A 70 -8.93 17.90 6.95
CA ARG A 70 -8.56 19.29 6.71
C ARG A 70 -7.29 19.74 7.38
N ARG A 71 -7.02 19.29 8.61
CA ARG A 71 -5.77 19.61 9.27
C ARG A 71 -4.56 18.96 8.62
N ASN A 72 -4.76 17.88 7.87
CA ASN A 72 -3.57 17.26 7.28
C ASN A 72 -3.18 17.80 5.92
N TYR A 73 -3.71 18.92 5.42
CA TYR A 73 -3.17 19.43 4.14
C TYR A 73 -3.43 20.93 4.03
N TRP A 74 -2.91 21.54 3.02
CA TRP A 74 -2.96 22.96 2.71
C TRP A 74 -3.40 23.23 1.28
N PRO A 75 -4.71 23.32 1.05
CA PRO A 75 -5.34 23.44 -0.25
C PRO A 75 -4.82 24.53 -1.19
N ASP A 76 -4.45 25.71 -0.66
CA ASP A 76 -3.89 26.76 -1.45
C ASP A 76 -2.54 26.40 -2.09
N ALA A 77 -1.79 25.50 -1.41
CA ALA A 77 -0.54 25.02 -2.00
C ALA A 77 -0.80 24.08 -3.16
N ILE A 78 -1.92 23.37 -3.14
CA ILE A 78 -2.27 22.48 -4.26
C ILE A 78 -2.76 23.33 -5.46
N ARG A 79 -3.62 24.33 -5.20
CA ARG A 79 -4.07 25.27 -6.25
C ARG A 79 -2.90 26.05 -6.86
N ALA A 80 -1.91 26.41 -6.02
CA ALA A 80 -0.73 27.01 -6.66
C ALA A 80 -0.04 26.04 -7.60
N GLN A 81 0.02 24.73 -7.32
CA GLN A 81 0.72 23.81 -8.20
C GLN A 81 -0.04 23.63 -9.51
N ILE A 82 -1.35 23.61 -9.42
CA ILE A 82 -2.20 23.51 -10.60
C ILE A 82 -2.02 24.79 -11.44
N ALA A 83 -1.88 25.96 -10.81
CA ALA A 83 -1.69 27.20 -11.55
C ALA A 83 -0.38 27.27 -12.33
N ALA A 84 0.66 26.56 -11.95
CA ALA A 84 1.91 26.54 -12.65
C ALA A 84 2.04 25.52 -13.76
N LEU A 85 1.00 24.76 -14.10
CA LEU A 85 1.16 23.77 -15.17
C LEU A 85 1.18 24.42 -16.54
N SER A 86 1.87 23.78 -17.47
CA SER A 86 1.83 24.18 -18.86
C SER A 86 0.44 23.84 -19.39
N PRO A 87 0.04 24.47 -20.47
CA PRO A 87 -1.24 24.25 -21.09
C PRO A 87 -1.50 22.80 -21.42
N GLU A 88 -0.58 22.03 -21.93
CA GLU A 88 -0.74 20.62 -22.26
C GLU A 88 -1.07 19.80 -21.00
N ASP A 89 -0.28 20.00 -19.94
CA ASP A 89 -0.52 19.29 -18.68
C ASP A 89 -1.84 19.66 -18.06
N MET A 90 -2.20 20.93 -18.11
CA MET A 90 -3.45 21.37 -17.53
C MET A 90 -4.67 20.77 -18.26
N SER A 91 -4.54 20.51 -19.55
CA SER A 91 -5.53 19.87 -20.37
C SER A 91 -5.96 18.49 -19.88
N ILE A 92 -4.97 17.71 -19.43
CA ILE A 92 -5.21 16.42 -18.80
C ILE A 92 -6.25 16.58 -17.71
N LEU A 93 -5.95 17.42 -16.73
CA LEU A 93 -6.89 17.60 -15.62
C LEU A 93 -8.20 18.26 -16.07
N GLN A 94 -8.14 19.25 -16.99
CA GLN A 94 -9.35 19.99 -17.31
C GLN A 94 -10.26 19.13 -18.20
N GLY A 95 -9.63 18.40 -19.12
CA GLY A 95 -10.38 17.49 -19.97
C GLY A 95 -11.14 16.48 -19.09
N TYR A 96 -10.47 15.81 -18.19
CA TYR A 96 -11.06 14.81 -17.29
C TYR A 96 -12.18 15.46 -16.51
N ALA A 97 -12.00 16.60 -15.85
CA ALA A 97 -13.15 17.19 -15.15
C ALA A 97 -14.31 17.53 -16.12
N ASP A 98 -14.01 18.11 -17.30
CA ASP A 98 -15.08 18.39 -18.28
C ASP A 98 -15.85 17.15 -18.75
N GLY A 99 -15.14 16.08 -19.05
CA GLY A 99 -15.82 14.83 -19.47
C GLY A 99 -16.73 14.31 -18.35
N MET A 100 -16.33 14.46 -17.09
CA MET A 100 -17.20 14.01 -16.01
C MET A 100 -18.44 14.88 -15.97
N ASN A 101 -18.21 16.17 -16.15
CA ASN A 101 -19.31 17.17 -16.06
C ASN A 101 -20.38 16.93 -17.10
N ALA A 102 -19.97 16.52 -18.30
CA ALA A 102 -20.82 16.20 -19.42
C ALA A 102 -21.78 15.08 -19.04
N TRP A 103 -21.28 14.00 -18.42
CA TRP A 103 -22.17 12.94 -17.98
C TRP A 103 -22.93 13.37 -16.75
N ILE A 104 -22.30 14.12 -15.85
CA ILE A 104 -23.12 14.57 -14.69
C ILE A 104 -24.26 15.46 -15.17
N ASP A 105 -24.04 16.34 -16.15
CA ASP A 105 -25.12 17.17 -16.71
C ASP A 105 -26.26 16.27 -17.19
N LYS A 106 -26.02 15.26 -18.01
CA LYS A 106 -27.04 14.35 -18.50
C LYS A 106 -27.73 13.70 -17.29
N VAL A 107 -26.96 13.22 -16.29
CA VAL A 107 -27.53 12.58 -15.12
C VAL A 107 -28.48 13.52 -14.39
N ASN A 108 -28.07 14.77 -14.14
CA ASN A 108 -28.97 15.67 -13.41
C ASN A 108 -30.15 16.18 -14.23
N THR A 109 -30.20 15.91 -15.51
CA THR A 109 -31.30 16.25 -16.40
C THR A 109 -32.29 15.13 -16.60
N ASN A 110 -31.88 13.88 -16.40
CA ASN A 110 -32.68 12.67 -16.58
C ASN A 110 -32.52 11.69 -15.44
N PRO A 111 -32.76 12.11 -14.21
CA PRO A 111 -32.46 11.35 -13.02
C PRO A 111 -33.35 10.14 -12.79
N GLU A 112 -34.48 10.04 -13.44
CA GLU A 112 -35.37 8.90 -13.29
C GLU A 112 -34.69 7.65 -13.82
N THR A 113 -33.80 7.77 -14.80
CA THR A 113 -33.17 6.61 -15.39
C THR A 113 -31.65 6.55 -15.25
N LEU A 114 -31.02 7.70 -15.01
CA LEU A 114 -29.57 7.73 -14.98
C LEU A 114 -28.95 7.95 -13.62
N LEU A 115 -29.67 8.40 -12.62
CA LEU A 115 -29.01 8.63 -11.33
C LEU A 115 -28.70 7.29 -10.64
N PRO A 116 -27.48 7.01 -10.29
CA PRO A 116 -27.11 5.84 -9.50
C PRO A 116 -28.00 5.72 -8.29
N LYS A 117 -28.59 4.54 -8.04
CA LYS A 117 -29.44 4.40 -6.84
C LYS A 117 -28.96 4.95 -5.53
N GLN A 118 -27.67 4.82 -5.16
CA GLN A 118 -27.14 5.27 -3.87
C GLN A 118 -27.36 6.73 -3.57
N PHE A 119 -27.36 7.63 -4.57
CA PHE A 119 -27.67 9.06 -4.38
C PHE A 119 -29.08 9.25 -3.81
N ASN A 120 -30.03 8.45 -4.25
CA ASN A 120 -31.36 8.48 -3.68
C ASN A 120 -31.28 7.92 -2.26
N THR A 121 -30.58 6.80 -2.09
CA THR A 121 -30.47 6.10 -0.82
C THR A 121 -29.87 7.03 0.21
N PHE A 122 -28.76 7.68 -0.17
CA PHE A 122 -28.15 8.61 0.77
C PHE A 122 -28.75 9.99 0.66
N GLY A 123 -29.63 10.33 -0.29
CA GLY A 123 -30.34 11.58 -0.30
C GLY A 123 -29.60 12.83 -0.73
N PHE A 124 -28.88 12.84 -1.84
CA PHE A 124 -28.13 14.02 -2.27
C PHE A 124 -27.82 13.82 -3.74
N THR A 125 -27.28 14.80 -4.43
CA THR A 125 -27.10 14.58 -5.91
C THR A 125 -25.69 15.02 -6.25
N PRO A 126 -25.13 14.53 -7.32
CA PRO A 126 -23.77 14.87 -7.73
C PRO A 126 -23.62 16.34 -8.10
N LYS A 127 -22.43 16.87 -7.91
CA LYS A 127 -22.07 18.22 -8.29
C LYS A 127 -20.91 18.15 -9.29
N ARG A 128 -20.69 19.25 -9.98
CA ARG A 128 -19.66 19.34 -11.00
C ARG A 128 -18.27 19.42 -10.38
N TRP A 129 -17.29 18.96 -11.14
CA TRP A 129 -15.93 18.77 -10.73
C TRP A 129 -15.10 19.88 -11.35
N GLU A 130 -14.01 20.27 -10.74
CA GLU A 130 -13.03 21.14 -11.40
C GLU A 130 -11.71 20.38 -11.31
N PRO A 131 -10.70 20.83 -12.01
CA PRO A 131 -9.37 20.25 -11.91
C PRO A 131 -8.93 19.97 -10.48
N PHE A 132 -9.17 20.86 -9.51
CA PHE A 132 -8.72 20.78 -8.17
C PHE A 132 -9.22 19.45 -7.58
N ASP A 133 -10.47 19.09 -7.86
CA ASP A 133 -11.04 17.85 -7.39
C ASP A 133 -10.39 16.59 -7.99
N VAL A 134 -10.02 16.64 -9.26
CA VAL A 134 -9.35 15.47 -9.89
C VAL A 134 -7.98 15.29 -9.24
N ALA A 135 -7.23 16.38 -9.04
CA ALA A 135 -5.93 16.28 -8.45
C ALA A 135 -6.06 15.75 -7.01
N MET A 136 -7.03 16.15 -6.22
CA MET A 136 -7.21 15.74 -4.86
C MET A 136 -7.61 14.27 -4.72
N ILE A 137 -8.20 13.59 -5.71
CA ILE A 137 -8.39 12.17 -5.73
C ILE A 137 -7.02 11.48 -5.51
N PHE A 138 -6.04 11.83 -6.33
CA PHE A 138 -4.70 11.27 -6.21
C PHE A 138 -3.99 11.73 -4.95
N VAL A 139 -4.01 13.00 -4.57
CA VAL A 139 -3.31 13.53 -3.42
C VAL A 139 -3.82 12.97 -2.10
N GLY A 140 -5.13 12.92 -1.95
CA GLY A 140 -5.76 12.39 -0.76
C GLY A 140 -5.60 10.89 -0.60
N THR A 141 -5.30 10.11 -1.63
CA THR A 141 -5.12 8.66 -1.40
C THR A 141 -3.64 8.37 -1.37
N MET A 142 -2.96 8.38 -2.47
CA MET A 142 -1.58 8.06 -2.66
C MET A 142 -0.61 8.88 -1.82
N ALA A 143 -0.74 10.22 -1.75
CA ALA A 143 0.24 10.98 -1.02
C ALA A 143 -0.06 11.09 0.48
N ASN A 144 -1.18 11.75 0.76
CA ASN A 144 -1.63 12.16 2.07
C ASN A 144 -1.90 10.96 2.98
N ARG A 145 -2.07 9.78 2.41
CA ARG A 145 -2.27 8.56 3.17
C ARG A 145 -1.19 7.54 2.96
N PHE A 146 -0.91 7.03 1.77
CA PHE A 146 0.06 6.00 1.54
C PHE A 146 1.51 6.48 1.46
N SER A 147 1.82 7.77 1.63
CA SER A 147 3.21 8.18 1.55
C SER A 147 3.45 9.19 2.67
N ASP A 148 2.59 9.13 3.68
CA ASP A 148 2.65 10.03 4.80
C ASP A 148 2.88 9.30 6.13
N SER A 149 3.74 8.30 6.30
CA SER A 149 3.77 7.51 7.54
C SER A 149 4.81 7.97 8.53
N THR A 150 4.47 8.32 9.75
CA THR A 150 5.52 8.66 10.71
C THR A 150 4.98 8.30 12.09
N SER A 151 5.81 8.07 13.08
CA SER A 151 5.33 7.84 14.45
C SER A 151 6.41 8.42 15.39
N GLU A 152 7.08 9.49 14.93
CA GLU A 152 8.20 10.05 15.65
C GLU A 152 7.84 10.53 17.05
N ILE A 153 6.64 11.07 17.21
CA ILE A 153 6.24 11.53 18.53
C ILE A 153 5.97 10.33 19.46
N ASP A 154 5.38 9.24 18.98
CA ASP A 154 5.21 8.05 19.79
C ASP A 154 6.56 7.37 20.02
N ASN A 155 7.49 7.34 19.08
CA ASN A 155 8.80 6.84 19.37
C ASN A 155 9.49 7.55 20.53
N LEU A 156 9.32 8.87 20.63
CA LEU A 156 10.00 9.68 21.60
C LEU A 156 9.48 9.28 22.99
N ALA A 157 8.18 9.11 23.08
CA ALA A 157 7.53 8.70 24.31
C ALA A 157 7.95 7.26 24.65
N LEU A 158 8.12 6.34 23.70
CA LEU A 158 8.65 5.03 23.99
C LEU A 158 10.06 5.17 24.59
N LEU A 159 10.95 5.91 23.97
CA LEU A 159 12.30 6.13 24.32
C LEU A 159 12.44 6.71 25.74
N THR A 160 11.54 7.61 26.07
CA THR A 160 11.53 8.23 27.38
C THR A 160 11.14 7.19 28.43
N ALA A 161 10.18 6.32 28.11
CA ALA A 161 9.77 5.28 29.05
C ALA A 161 10.88 4.23 29.18
N LEU A 162 11.60 3.86 28.15
CA LEU A 162 12.76 3.03 28.24
C LEU A 162 13.92 3.66 29.00
N LYS A 163 14.03 4.97 29.09
CA LYS A 163 15.14 5.62 29.77
C LYS A 163 14.89 5.61 31.28
N ASP A 164 13.62 5.73 31.64
CA ASP A 164 13.19 5.61 33.01
C ASP A 164 13.43 4.18 33.52
N LYS A 165 12.96 3.18 32.79
CA LYS A 165 13.16 1.80 33.13
C LYS A 165 14.62 1.42 33.31
N TYR A 166 15.51 1.61 32.36
CA TYR A 166 16.84 1.07 32.36
C TYR A 166 17.96 2.07 32.46
N GLY A 167 17.63 3.34 32.71
CA GLY A 167 18.70 4.35 32.75
C GLY A 167 18.85 4.97 31.35
N VAL A 168 19.60 6.05 31.26
CA VAL A 168 19.90 6.78 30.07
C VAL A 168 20.61 5.98 29.01
N SER A 169 21.82 5.48 29.18
CA SER A 169 22.47 4.76 28.08
C SER A 169 21.79 3.46 27.69
N GLN A 170 21.25 2.74 28.65
CA GLN A 170 20.68 1.41 28.45
C GLN A 170 19.32 1.47 27.76
N GLY A 171 18.53 2.47 28.13
CA GLY A 171 17.25 2.78 27.49
C GLY A 171 17.41 3.09 26.00
N MET A 172 18.51 3.73 25.60
CA MET A 172 18.80 3.98 24.20
C MET A 172 19.17 2.71 23.47
N ALA A 173 19.97 1.86 24.13
CA ALA A 173 20.38 0.61 23.50
C ALA A 173 19.18 -0.34 23.33
N VAL A 174 18.21 -0.36 24.22
CA VAL A 174 17.04 -1.21 24.08
C VAL A 174 16.12 -0.69 22.96
N PHE A 175 16.00 0.65 22.87
CA PHE A 175 15.33 1.32 21.78
C PHE A 175 15.93 0.85 20.46
N ASN A 176 17.25 0.75 20.35
CA ASN A 176 17.88 0.25 19.15
C ASN A 176 17.67 -1.24 18.88
N GLN A 177 17.25 -1.99 19.90
CA GLN A 177 17.01 -3.41 19.75
C GLN A 177 15.58 -3.59 19.20
N LEU A 178 14.69 -2.73 19.72
CA LEU A 178 13.30 -2.80 19.32
C LEU A 178 12.97 -2.14 17.97
N LYS A 179 13.63 -1.05 17.62
CA LYS A 179 13.34 -0.22 16.46
C LYS A 179 14.68 0.18 15.88
N TRP A 180 15.42 -0.82 15.39
CA TRP A 180 16.72 -0.51 14.83
C TRP A 180 16.58 0.45 13.63
N LEU A 181 17.64 1.11 13.25
CA LEU A 181 17.66 1.96 12.07
C LEU A 181 17.86 1.07 10.86
N VAL A 182 18.88 0.22 10.80
CA VAL A 182 19.04 -0.77 9.76
C VAL A 182 19.43 -2.14 10.35
N ASN A 183 19.25 -3.20 9.60
CA ASN A 183 19.49 -4.57 9.89
C ASN A 183 20.11 -5.21 8.66
N PRO A 184 21.41 -5.49 8.69
CA PRO A 184 22.20 -5.99 7.60
C PRO A 184 21.77 -7.36 7.13
N SER A 185 20.97 -8.12 7.90
CA SER A 185 20.56 -9.38 7.31
C SER A 185 19.18 -9.32 6.65
N ALA A 186 18.48 -8.18 6.57
CA ALA A 186 17.21 -8.13 5.82
C ALA A 186 17.37 -8.49 4.36
N PRO A 187 16.56 -9.38 3.84
CA PRO A 187 16.47 -9.75 2.44
C PRO A 187 16.03 -8.55 1.58
N THR A 188 16.81 -8.29 0.54
CA THR A 188 16.73 -7.09 -0.27
C THR A 188 16.39 -7.42 -1.72
N THR A 189 15.64 -6.54 -2.36
CA THR A 189 15.23 -6.71 -3.76
C THR A 189 16.48 -6.60 -4.63
N ILE A 190 17.42 -5.74 -4.25
CA ILE A 190 18.67 -5.64 -5.02
C ILE A 190 19.75 -6.47 -4.32
N ALA A 191 20.43 -7.36 -5.00
CA ALA A 191 21.51 -8.16 -4.42
C ALA A 191 22.71 -7.32 -4.04
N VAL A 192 23.50 -7.71 -3.04
CA VAL A 192 24.67 -6.94 -2.58
C VAL A 192 25.75 -6.86 -3.65
N GLN A 193 25.86 -7.85 -4.54
CA GLN A 193 26.82 -7.76 -5.63
C GLN A 193 26.51 -6.57 -6.56
N GLU A 194 25.29 -6.02 -6.59
CA GLU A 194 24.94 -4.94 -7.51
C GLU A 194 25.17 -3.59 -6.85
N SER A 195 24.65 -3.33 -5.64
CA SER A 195 25.07 -2.08 -5.02
C SER A 195 24.55 -2.03 -3.59
N ASN A 196 24.95 -1.11 -2.74
CA ASN A 196 24.37 -0.95 -1.41
C ASN A 196 24.15 0.55 -1.19
N TYR A 197 23.26 0.90 -0.28
CA TYR A 197 23.00 2.30 0.01
C TYR A 197 24.25 2.94 0.62
N PRO A 198 24.59 4.13 0.16
CA PRO A 198 25.76 4.85 0.57
C PRO A 198 25.67 5.72 1.79
N LEU A 199 24.50 6.08 2.30
CA LEU A 199 24.44 6.96 3.46
C LEU A 199 24.46 6.20 4.77
N LYS A 200 25.06 6.76 5.80
CA LYS A 200 25.03 6.22 7.16
C LYS A 200 24.40 7.30 8.04
N PHE A 201 23.62 6.86 9.00
CA PHE A 201 22.79 7.76 9.81
C PHE A 201 23.16 7.72 11.28
N ASN A 202 22.77 8.77 12.00
CA ASN A 202 22.99 8.79 13.44
C ASN A 202 21.91 7.95 14.12
N GLN A 203 22.28 7.06 15.02
CA GLN A 203 21.29 6.25 15.75
C GLN A 203 21.37 6.44 17.26
N GLN A 204 21.67 7.65 17.70
CA GLN A 204 21.84 7.97 19.11
C GLN A 204 20.88 9.06 19.58
N ASN A 205 20.01 9.50 18.67
CA ASN A 205 19.24 10.72 18.95
C ASN A 205 20.19 11.86 19.26
N SER A 206 21.22 12.09 18.44
CA SER A 206 22.19 13.16 18.71
C SER A 206 21.65 14.58 18.71
N GLN A 207 20.44 14.80 18.21
CA GLN A 207 19.74 16.06 18.17
C GLN A 207 19.22 16.56 19.51
N THR A 208 19.35 15.84 20.63
CA THR A 208 18.96 16.41 21.92
C THR A 208 20.17 16.95 22.68
N SER B 1 1.90 -5.56 -0.77
CA SER B 1 1.88 -5.63 -2.25
C SER B 1 3.05 -6.41 -2.77
N ASN B 2 2.83 -7.27 -3.80
CA ASN B 2 4.06 -7.95 -4.26
C ASN B 2 4.16 -7.83 -5.77
N MET B 3 5.34 -8.17 -6.26
CA MET B 3 5.69 -8.18 -7.64
C MET B 3 6.83 -9.18 -7.84
N TRP B 4 6.86 -9.87 -8.97
CA TRP B 4 8.00 -10.59 -9.43
C TRP B 4 8.17 -10.28 -10.95
N VAL B 5 9.40 -10.00 -11.36
CA VAL B 5 9.65 -9.75 -12.77
C VAL B 5 10.70 -10.74 -13.26
N ILE B 6 10.42 -11.45 -14.34
CA ILE B 6 11.34 -12.47 -14.84
C ILE B 6 11.94 -12.12 -16.19
N GLY B 7 13.28 -11.99 -16.21
CA GLY B 7 13.97 -11.59 -17.42
C GLY B 7 14.33 -12.74 -18.36
N LYS B 8 14.98 -12.36 -19.47
CA LYS B 8 15.49 -13.18 -20.54
C LYS B 8 16.06 -14.53 -20.11
N SER B 9 17.02 -14.51 -19.20
CA SER B 9 17.72 -15.71 -18.79
C SER B 9 16.91 -16.61 -17.87
N LYS B 10 15.83 -16.15 -17.21
CA LYS B 10 15.06 -17.04 -16.37
C LYS B 10 13.75 -17.42 -17.03
N ALA B 11 13.44 -16.82 -18.17
CA ALA B 11 12.12 -17.01 -18.74
C ALA B 11 12.16 -18.13 -19.77
N GLN B 12 11.05 -18.84 -19.90
CA GLN B 12 10.97 -19.89 -20.89
C GLN B 12 9.72 -19.71 -21.74
N ASP B 13 9.93 -19.74 -23.04
CA ASP B 13 8.82 -19.44 -23.97
C ASP B 13 8.45 -17.96 -24.00
N ALA B 14 9.35 -17.07 -23.62
CA ALA B 14 9.17 -15.64 -23.67
C ALA B 14 10.48 -14.96 -23.31
N LYS B 15 10.57 -13.64 -23.40
CA LYS B 15 11.82 -13.01 -22.97
C LYS B 15 11.59 -12.26 -21.65
N ALA B 16 10.33 -11.97 -21.29
CA ALA B 16 10.11 -11.23 -20.07
C ALA B 16 8.69 -11.46 -19.58
N ILE B 17 8.50 -11.58 -18.27
CA ILE B 17 7.19 -11.79 -17.67
C ILE B 17 7.14 -10.92 -16.39
N MET B 18 6.03 -10.24 -16.17
CA MET B 18 5.89 -9.37 -15.05
C MET B 18 4.56 -9.67 -14.39
N VAL B 19 4.59 -10.00 -13.09
CA VAL B 19 3.36 -10.31 -12.37
C VAL B 19 3.23 -9.37 -11.19
N ASN B 20 2.09 -8.73 -10.98
CA ASN B 20 1.98 -7.71 -9.93
C ASN B 20 0.76 -7.89 -9.10
N GLY B 21 0.89 -7.82 -7.76
CA GLY B 21 -0.25 -7.93 -6.87
C GLY B 21 -0.24 -6.84 -5.80
N PRO B 22 -0.67 -5.63 -6.16
CA PRO B 22 -0.75 -4.49 -5.26
C PRO B 22 -1.80 -4.78 -4.19
N GLN B 23 -1.56 -4.52 -2.92
CA GLN B 23 -2.48 -4.93 -1.87
C GLN B 23 -3.01 -3.74 -1.10
N PHE B 24 -4.26 -3.37 -1.35
CA PHE B 24 -4.83 -2.16 -0.71
C PHE B 24 -6.04 -2.50 0.10
N GLY B 25 -6.35 -3.80 0.19
CA GLY B 25 -7.58 -4.23 0.90
C GLY B 25 -8.54 -4.61 -0.27
N TRP B 26 -9.77 -4.92 0.06
CA TRP B 26 -10.74 -5.46 -0.91
C TRP B 26 -12.10 -4.78 -0.77
N TYR B 27 -12.56 -4.14 -1.85
CA TYR B 27 -13.72 -3.23 -1.80
C TYR B 27 -14.76 -3.48 -2.89
N ALA B 28 -15.97 -2.99 -2.67
CA ALA B 28 -17.04 -2.98 -3.69
C ALA B 28 -17.57 -1.55 -3.75
N PRO B 29 -17.57 -0.95 -4.94
CA PRO B 29 -17.00 -1.49 -6.14
C PRO B 29 -15.47 -1.45 -6.03
N ALA B 30 -14.80 -2.01 -6.98
CA ALA B 30 -13.43 -2.28 -7.13
C ALA B 30 -12.57 -1.02 -6.92
N TYR B 31 -11.41 -1.40 -6.32
CA TYR B 31 -10.44 -0.41 -5.96
C TYR B 31 -9.94 0.23 -7.26
N THR B 32 -9.62 -0.53 -8.27
CA THR B 32 -9.05 -0.08 -9.51
C THR B 32 -10.05 -0.11 -10.68
N TYR B 33 -9.67 0.58 -11.73
CA TYR B 33 -10.55 0.89 -12.88
C TYR B 33 -9.90 0.53 -14.19
N GLY B 34 -10.50 -0.36 -15.01
CA GLY B 34 -9.83 -0.76 -16.27
C GLY B 34 -10.08 0.30 -17.36
N ILE B 35 -9.12 0.57 -18.26
CA ILE B 35 -9.16 1.64 -19.22
C ILE B 35 -8.06 1.54 -20.25
N GLY B 36 -8.35 1.77 -21.52
CA GLY B 36 -7.36 1.75 -22.61
C GLY B 36 -7.40 3.16 -23.23
N LEU B 37 -6.25 3.72 -23.59
CA LEU B 37 -6.17 5.09 -24.07
C LEU B 37 -5.33 5.12 -25.35
N HIS B 38 -6.01 5.57 -26.43
CA HIS B 38 -5.39 5.48 -27.77
C HIS B 38 -5.52 6.82 -28.50
N GLY B 39 -4.45 7.56 -28.60
CA GLY B 39 -4.37 8.88 -29.19
C GLY B 39 -3.44 9.81 -28.42
N ALA B 40 -3.16 10.95 -29.06
CA ALA B 40 -2.33 12.00 -28.51
C ALA B 40 -1.01 11.51 -28.00
N GLY B 41 -0.32 10.58 -28.66
CA GLY B 41 0.92 10.03 -28.16
C GLY B 41 0.77 8.79 -27.28
N TYR B 42 -0.39 8.53 -26.73
CA TYR B 42 -0.70 7.43 -25.84
C TYR B 42 -1.27 6.24 -26.61
N ASP B 43 -0.84 5.03 -26.27
CA ASP B 43 -1.44 3.80 -26.75
C ASP B 43 -1.31 2.73 -25.68
N VAL B 44 -2.18 2.76 -24.67
CA VAL B 44 -2.00 1.98 -23.46
C VAL B 44 -3.23 1.17 -23.03
N THR B 45 -2.93 0.11 -22.28
CA THR B 45 -4.01 -0.73 -21.69
C THR B 45 -3.66 -1.17 -20.28
N GLY B 46 -4.65 -1.27 -19.36
CA GLY B 46 -4.31 -1.63 -17.96
C GLY B 46 -5.40 -1.29 -16.98
N ASN B 47 -5.09 -1.13 -15.70
CA ASN B 47 -6.09 -0.72 -14.69
C ASN B 47 -5.38 0.15 -13.68
N THR B 48 -6.09 0.97 -12.90
CA THR B 48 -5.45 1.91 -12.00
C THR B 48 -6.43 2.29 -10.91
N PRO B 49 -5.93 2.55 -9.71
CA PRO B 49 -6.72 2.98 -8.58
C PRO B 49 -7.48 4.30 -8.75
N PHE B 50 -8.75 4.35 -8.33
CA PHE B 50 -9.57 5.54 -8.39
C PHE B 50 -9.51 6.17 -9.79
N ALA B 51 -9.34 5.44 -10.90
CA ALA B 51 -9.32 5.96 -12.24
C ALA B 51 -8.41 7.19 -12.34
N TYR B 52 -7.26 7.23 -11.66
CA TYR B 52 -6.29 8.29 -11.88
C TYR B 52 -6.07 8.41 -13.41
N PRO B 53 -5.81 9.62 -13.87
CA PRO B 53 -5.27 9.90 -15.20
C PRO B 53 -4.11 8.97 -15.53
N GLY B 54 -3.08 8.80 -14.70
CA GLY B 54 -1.98 7.87 -15.04
C GLY B 54 -2.33 6.41 -14.64
N LEU B 55 -2.05 5.43 -15.46
CA LEU B 55 -2.30 4.02 -15.11
C LEU B 55 -1.18 3.44 -14.25
N VAL B 56 -1.53 3.05 -13.02
CA VAL B 56 -0.42 2.46 -12.20
C VAL B 56 -0.08 1.07 -12.70
N PHE B 57 -0.97 0.28 -13.35
CA PHE B 57 -0.61 -1.07 -13.79
C PHE B 57 -0.98 -1.31 -15.25
N GLY B 58 -0.02 -1.52 -16.14
CA GLY B 58 -0.39 -1.80 -17.52
C GLY B 58 0.79 -1.75 -18.49
N HIS B 59 0.51 -1.63 -19.79
CA HIS B 59 1.63 -1.50 -20.72
C HIS B 59 1.23 -0.84 -22.04
N ASN B 60 2.21 -0.57 -22.89
CA ASN B 60 1.89 0.18 -24.11
C ASN B 60 2.38 -0.55 -25.35
N GLY B 61 2.60 -1.85 -25.25
CA GLY B 61 3.09 -2.71 -26.30
C GLY B 61 4.59 -2.78 -26.44
N VAL B 62 5.37 -1.92 -25.78
CA VAL B 62 6.83 -2.01 -25.94
C VAL B 62 7.44 -2.24 -24.55
N ILE B 63 6.93 -1.51 -23.56
CA ILE B 63 7.33 -1.70 -22.17
C ILE B 63 6.16 -1.98 -21.26
N SER B 64 6.45 -2.46 -20.05
CA SER B 64 5.36 -2.64 -19.05
C SER B 64 5.83 -2.14 -17.69
N TRP B 65 4.92 -1.81 -16.81
CA TRP B 65 5.27 -1.19 -15.55
C TRP B 65 4.34 -1.67 -14.41
N GLY B 66 4.76 -1.50 -13.17
CA GLY B 66 3.88 -1.85 -12.04
C GLY B 66 4.52 -1.20 -10.78
N SER B 67 3.87 -1.21 -9.65
CA SER B 67 4.38 -0.66 -8.40
C SER B 67 4.18 -1.59 -7.17
N THR B 68 4.85 -1.27 -6.04
CA THR B 68 4.56 -1.74 -4.70
C THR B 68 4.91 -0.59 -3.75
N ALA B 69 4.39 -0.52 -2.55
CA ALA B 69 4.70 0.53 -1.58
C ALA B 69 6.17 0.56 -1.20
N GLY B 70 6.79 1.76 -1.11
CA GLY B 70 8.20 1.91 -0.83
C GLY B 70 8.55 1.89 0.66
N PHE B 71 7.82 2.53 1.53
CA PHE B 71 8.14 2.68 2.93
C PHE B 71 9.56 3.18 3.22
N GLY B 72 10.03 4.19 2.51
CA GLY B 72 11.29 4.83 2.97
C GLY B 72 10.92 5.85 4.02
N ASP B 73 11.88 6.44 4.73
CA ASP B 73 11.55 7.51 5.70
C ASP B 73 11.62 8.87 4.97
N ASP B 74 10.46 9.42 4.62
CA ASP B 74 10.43 10.69 3.91
C ASP B 74 9.64 11.76 4.64
N VAL B 75 9.31 11.45 5.90
CA VAL B 75 8.62 12.39 6.75
C VAL B 75 9.36 12.58 8.08
N ASP B 76 9.74 13.76 8.55
CA ASP B 76 10.21 14.01 9.90
C ASP B 76 9.38 15.06 10.63
N ILE B 77 9.53 15.18 11.94
CA ILE B 77 8.71 16.02 12.81
C ILE B 77 9.54 17.13 13.45
N PHE B 78 9.09 18.39 13.38
CA PHE B 78 9.90 19.50 13.88
C PHE B 78 9.24 20.10 15.11
N ALA B 79 10.06 20.14 16.19
CA ALA B 79 9.47 20.62 17.46
C ALA B 79 9.62 22.14 17.44
N GLU B 80 8.50 22.85 17.28
CA GLU B 80 8.56 24.30 17.17
C GLU B 80 8.46 24.93 18.56
N ARG B 81 9.35 25.88 18.79
CA ARG B 81 9.46 26.69 19.99
C ARG B 81 8.47 27.84 20.04
N LEU B 82 7.40 27.71 20.80
CA LEU B 82 6.39 28.73 20.92
C LEU B 82 6.72 29.68 22.07
N SER B 83 5.89 30.70 22.24
CA SER B 83 6.00 31.72 23.24
C SER B 83 4.64 32.08 23.83
N ALA B 84 4.58 32.03 25.15
CA ALA B 84 3.41 32.34 25.98
C ALA B 84 2.81 33.69 25.66
N GLU B 85 3.67 34.63 25.33
CA GLU B 85 3.33 35.97 24.87
C GLU B 85 3.77 36.04 23.41
N LYS B 86 2.89 36.51 22.53
CA LYS B 86 3.12 36.57 21.08
C LYS B 86 2.80 35.23 20.44
N PRO B 87 1.57 34.80 20.72
CA PRO B 87 1.00 33.55 20.24
C PRO B 87 0.67 33.65 18.75
N GLY B 88 0.94 32.55 18.02
CA GLY B 88 0.83 32.58 16.57
C GLY B 88 2.24 32.80 16.02
N TYR B 89 3.22 32.82 16.93
CA TYR B 89 4.59 33.05 16.46
C TYR B 89 5.50 31.88 16.82
N TYR B 90 6.63 31.76 16.15
CA TYR B 90 7.54 30.68 16.57
C TYR B 90 8.96 31.11 16.29
N LEU B 91 9.90 30.64 17.10
CA LEU B 91 11.30 30.96 16.90
C LEU B 91 11.95 30.26 15.73
N HIS B 92 12.54 31.00 14.80
CA HIS B 92 13.21 30.38 13.68
C HIS B 92 14.37 31.23 13.19
N ASN B 93 15.57 30.66 13.18
CA ASN B 93 16.76 31.34 12.72
C ASN B 93 16.90 32.73 13.34
N GLY B 94 16.80 32.82 14.66
CA GLY B 94 16.91 34.02 15.42
C GLY B 94 15.79 35.01 15.46
N LYS B 95 14.67 34.84 14.76
CA LYS B 95 13.57 35.78 14.80
C LYS B 95 12.22 35.15 15.13
N TRP B 96 11.26 35.92 15.60
CA TRP B 96 9.93 35.40 15.90
C TRP B 96 9.07 35.50 14.63
N VAL B 97 8.89 34.40 13.92
CA VAL B 97 8.12 34.33 12.70
C VAL B 97 6.66 34.02 12.95
N LYS B 98 5.80 34.61 12.13
CA LYS B 98 4.36 34.41 12.21
C LYS B 98 3.94 33.15 11.44
N MET B 99 2.95 32.47 12.03
CA MET B 99 2.42 31.27 11.40
C MET B 99 1.46 31.62 10.27
N LEU B 100 1.35 30.79 9.24
CA LEU B 100 0.22 30.80 8.34
C LEU B 100 -0.97 30.19 9.12
N SER B 101 -2.18 30.64 8.81
CA SER B 101 -3.38 30.09 9.38
C SER B 101 -4.57 30.22 8.44
N ARG B 102 -5.61 29.42 8.64
CA ARG B 102 -6.78 29.47 7.78
C ARG B 102 -7.95 29.01 8.66
N GLU B 103 -9.11 29.58 8.39
CA GLU B 103 -10.30 29.19 9.14
C GLU B 103 -11.12 28.21 8.30
N GLU B 104 -11.72 27.24 8.98
CA GLU B 104 -12.48 26.22 8.30
C GLU B 104 -13.85 26.11 8.96
N THR B 105 -14.88 25.88 8.15
CA THR B 105 -16.21 25.69 8.72
C THR B 105 -16.64 24.31 8.20
N ILE B 106 -17.02 23.44 9.10
CA ILE B 106 -17.46 22.10 8.71
C ILE B 106 -18.99 22.20 8.80
N THR B 107 -19.65 22.09 7.67
CA THR B 107 -21.12 22.03 7.65
C THR B 107 -21.52 20.59 7.99
N VAL B 108 -22.59 20.37 8.74
CA VAL B 108 -23.03 19.09 9.21
C VAL B 108 -24.46 18.76 8.85
N LYS B 109 -24.78 17.80 7.99
CA LYS B 109 -26.17 17.46 7.75
C LYS B 109 -26.85 17.29 9.11
N ASN B 110 -27.93 17.91 9.46
CA ASN B 110 -28.69 17.70 10.68
C ASN B 110 -27.89 17.96 11.95
N GLY B 111 -27.04 18.99 11.90
CA GLY B 111 -26.38 19.45 13.10
C GLY B 111 -26.03 20.91 12.98
N GLN B 112 -25.32 21.45 13.92
CA GLN B 112 -24.73 22.79 13.89
C GLN B 112 -23.39 22.78 13.16
N ALA B 113 -22.94 23.92 12.65
CA ALA B 113 -21.68 23.94 11.90
C ALA B 113 -20.54 24.16 12.87
N GLU B 114 -19.36 23.66 12.51
CA GLU B 114 -18.21 23.75 13.39
C GLU B 114 -17.06 24.44 12.68
N THR B 115 -16.42 25.35 13.42
CA THR B 115 -15.31 26.09 12.84
C THR B 115 -14.06 25.99 13.71
N PHE B 116 -12.92 25.87 13.07
CA PHE B 116 -11.64 25.63 13.72
C PHE B 116 -10.53 26.22 12.83
N THR B 117 -9.33 26.29 13.35
CA THR B 117 -8.23 26.90 12.61
C THR B 117 -7.11 25.93 12.35
N VAL B 118 -6.47 25.94 11.19
CA VAL B 118 -5.36 25.06 10.86
C VAL B 118 -4.14 25.99 10.80
N TRP B 119 -3.05 25.60 11.41
CA TRP B 119 -1.80 26.29 11.53
C TRP B 119 -0.65 25.59 10.83
N ARG B 120 0.22 26.41 10.24
CA ARG B 120 1.32 25.90 9.43
C ARG B 120 2.55 26.78 9.65
N THR B 121 3.72 26.14 9.60
CA THR B 121 4.96 26.89 9.79
C THR B 121 5.73 26.63 8.53
N VAL B 122 6.94 27.10 8.43
CA VAL B 122 7.81 26.77 7.31
C VAL B 122 8.04 25.27 7.24
N HIS B 123 7.96 24.53 8.38
CA HIS B 123 8.19 23.08 8.35
C HIS B 123 6.94 22.33 7.87
N GLY B 124 5.72 22.85 8.05
CA GLY B 124 4.53 22.12 7.54
C GLY B 124 3.38 22.32 8.51
N ASN B 125 2.25 21.63 8.38
CA ASN B 125 1.14 21.81 9.28
C ASN B 125 1.51 21.35 10.71
N ILE B 126 0.85 21.99 11.66
CA ILE B 126 1.02 21.65 13.07
C ILE B 126 0.11 20.47 13.45
N LEU B 127 0.68 19.37 13.83
CA LEU B 127 0.04 18.14 14.28
C LEU B 127 -0.53 18.33 15.68
N GLN B 128 0.30 18.75 16.60
CA GLN B 128 -0.07 18.91 17.99
C GLN B 128 0.85 19.88 18.73
N THR B 129 0.30 20.46 19.80
CA THR B 129 1.10 21.40 20.58
C THR B 129 1.05 21.02 22.06
N ASP B 130 2.20 21.16 22.68
CA ASP B 130 2.37 20.89 24.10
C ASP B 130 2.45 22.21 24.87
N GLN B 131 1.29 22.66 25.32
CA GLN B 131 1.22 23.92 26.04
C GLN B 131 2.12 24.04 27.25
N THR B 132 2.31 22.96 27.99
CA THR B 132 3.22 22.92 29.11
C THR B 132 4.66 23.24 28.74
N THR B 133 5.14 22.71 27.63
CA THR B 133 6.51 22.96 27.21
C THR B 133 6.61 24.10 26.21
N GLN B 134 5.44 24.49 25.67
CA GLN B 134 5.40 25.53 24.63
C GLN B 134 6.11 25.08 23.36
N THR B 135 5.72 23.90 22.95
CA THR B 135 6.25 23.23 21.77
C THR B 135 5.03 22.91 20.91
N ALA B 136 5.16 23.15 19.62
CA ALA B 136 4.16 22.77 18.64
C ALA B 136 4.88 21.76 17.74
N TYR B 137 4.21 20.70 17.31
CA TYR B 137 4.93 19.77 16.43
C TYR B 137 4.48 19.95 15.00
N ALA B 138 5.38 20.11 14.05
CA ALA B 138 4.97 20.28 12.66
C ALA B 138 5.47 19.10 11.81
N LYS B 139 4.57 18.55 11.01
CA LYS B 139 4.96 17.42 10.18
C LYS B 139 5.54 17.90 8.87
N SER B 140 6.76 17.54 8.54
CA SER B 140 7.44 17.94 7.34
C SER B 140 7.68 16.76 6.39
N ARG B 141 7.12 16.85 5.18
CA ARG B 141 7.17 15.88 4.13
C ARG B 141 8.15 16.28 3.06
N ALA B 142 9.04 15.42 2.63
CA ALA B 142 10.00 15.62 1.61
C ALA B 142 9.31 15.86 0.27
N TRP B 143 8.11 15.32 0.08
CA TRP B 143 7.45 15.50 -1.20
C TRP B 143 6.56 16.73 -1.26
N ASP B 144 6.48 17.52 -0.22
CA ASP B 144 5.56 18.64 -0.11
C ASP B 144 5.83 19.65 -1.23
N GLY B 145 4.82 20.00 -2.01
CA GLY B 145 5.10 20.90 -3.15
C GLY B 145 5.25 20.12 -4.43
N LYS B 146 5.18 18.77 -4.42
CA LYS B 146 5.38 18.02 -5.65
C LYS B 146 4.32 16.93 -5.86
N GLU B 147 3.21 17.08 -5.19
CA GLU B 147 2.11 16.15 -5.34
C GLU B 147 1.58 16.04 -6.77
N VAL B 148 1.34 17.22 -7.35
CA VAL B 148 0.79 17.34 -8.70
C VAL B 148 1.79 16.82 -9.71
N ALA B 149 3.07 17.14 -9.60
CA ALA B 149 4.08 16.59 -10.51
C ALA B 149 4.21 15.06 -10.38
N SER B 150 3.96 14.49 -9.19
CA SER B 150 4.07 13.01 -9.09
C SER B 150 3.00 12.31 -9.92
N LEU B 151 1.78 12.84 -9.90
CA LEU B 151 0.64 12.39 -10.69
C LEU B 151 0.90 12.48 -12.20
N LEU B 152 1.54 13.59 -12.61
CA LEU B 152 1.89 13.76 -14.02
C LEU B 152 3.05 12.87 -14.38
N ALA B 153 4.02 12.65 -13.46
CA ALA B 153 5.09 11.68 -13.80
C ALA B 153 4.47 10.31 -14.03
N TRP B 154 3.45 9.87 -13.28
CA TRP B 154 2.73 8.63 -13.50
C TRP B 154 1.96 8.60 -14.82
N THR B 155 1.52 9.75 -15.30
CA THR B 155 0.89 9.84 -16.64
C THR B 155 1.90 9.84 -17.76
N HIS B 156 2.96 10.64 -17.76
CA HIS B 156 3.91 10.66 -18.87
C HIS B 156 4.71 9.41 -19.08
N GLN B 157 4.94 8.62 -18.04
CA GLN B 157 5.71 7.37 -18.13
C GLN B 157 5.03 6.33 -19.01
N MET B 158 3.72 6.41 -19.15
CA MET B 158 2.98 5.57 -20.08
C MET B 158 3.47 5.77 -21.51
N LYS B 159 4.10 6.87 -21.89
CA LYS B 159 4.62 7.01 -23.26
C LYS B 159 6.04 6.53 -23.46
N ALA B 160 6.80 6.24 -22.40
CA ALA B 160 8.19 5.84 -22.55
C ALA B 160 8.34 4.56 -23.37
N LYS B 161 9.42 4.44 -24.12
CA LYS B 161 9.68 3.27 -24.96
C LYS B 161 10.97 2.59 -24.53
N ASN B 162 11.62 3.05 -23.45
CA ASN B 162 12.86 2.38 -23.06
C ASN B 162 13.25 2.80 -21.66
N TRP B 163 14.41 2.33 -21.22
CA TRP B 163 14.80 2.51 -19.81
C TRP B 163 15.10 3.96 -19.52
N GLN B 164 15.90 4.48 -20.45
CA GLN B 164 16.27 5.89 -20.50
C GLN B 164 15.05 6.79 -20.44
N GLN B 165 14.04 6.57 -21.30
CA GLN B 165 12.88 7.49 -21.19
C GLN B 165 12.09 7.21 -19.93
N TRP B 166 12.04 5.91 -19.55
CA TRP B 166 11.19 5.66 -18.36
C TRP B 166 11.79 6.24 -17.10
N THR B 167 13.11 6.17 -16.94
CA THR B 167 13.71 6.68 -15.71
C THR B 167 13.66 8.17 -15.55
N GLN B 168 13.64 8.88 -16.69
CA GLN B 168 13.37 10.32 -16.66
C GLN B 168 12.06 10.59 -15.96
N GLN B 169 11.03 9.75 -16.20
CA GLN B 169 9.77 10.00 -15.49
C GLN B 169 9.87 9.52 -14.05
N ALA B 170 10.59 8.43 -13.80
CA ALA B 170 10.76 7.93 -12.43
C ALA B 170 11.39 8.97 -11.53
N ALA B 171 12.35 9.75 -12.03
CA ALA B 171 13.01 10.79 -11.26
C ALA B 171 12.14 11.96 -10.84
N LYS B 172 10.90 12.07 -11.30
CA LYS B 172 9.98 13.12 -10.96
C LYS B 172 8.87 12.59 -10.05
N GLN B 173 8.74 11.27 -9.88
CA GLN B 173 7.67 10.79 -8.98
C GLN B 173 8.22 11.04 -7.58
N ALA B 174 7.57 11.75 -6.70
CA ALA B 174 8.24 12.11 -5.45
C ALA B 174 7.79 11.34 -4.22
N LEU B 175 6.79 10.47 -4.33
CA LEU B 175 6.26 9.72 -3.19
C LEU B 175 7.10 8.46 -2.95
N THR B 176 7.10 7.85 -1.75
CA THR B 176 7.95 6.66 -1.58
C THR B 176 7.31 5.39 -2.14
N ILE B 177 7.60 5.02 -3.37
CA ILE B 177 7.02 3.97 -4.15
C ILE B 177 8.08 3.21 -4.93
N ASN B 178 7.97 1.88 -4.98
CA ASN B 178 8.82 1.07 -5.86
C ASN B 178 8.14 1.02 -7.25
N TRP B 179 8.95 1.14 -8.30
CA TRP B 179 8.52 1.15 -9.68
C TRP B 179 9.25 0.04 -10.42
N TYR B 180 8.57 -0.67 -11.33
CA TYR B 180 9.20 -1.80 -12.04
C TYR B 180 8.94 -1.68 -13.55
N TYR B 181 9.86 -2.18 -14.32
CA TYR B 181 9.94 -2.10 -15.75
C TYR B 181 10.13 -3.44 -16.45
N ALA B 182 9.48 -3.70 -17.59
CA ALA B 182 9.90 -4.86 -18.43
C ALA B 182 9.81 -4.40 -19.89
N ASP B 183 10.57 -5.02 -20.81
CA ASP B 183 10.32 -4.64 -22.20
C ASP B 183 10.32 -5.80 -23.19
N VAL B 184 10.00 -5.44 -24.44
CA VAL B 184 9.82 -6.37 -25.55
C VAL B 184 11.09 -7.13 -25.89
N ASN B 185 12.28 -6.61 -25.59
CA ASN B 185 13.50 -7.34 -25.89
C ASN B 185 13.95 -8.20 -24.70
N GLY B 186 13.17 -8.21 -23.60
CA GLY B 186 13.58 -8.98 -22.44
C GLY B 186 14.42 -8.26 -21.40
N ASN B 187 14.59 -6.95 -21.43
CA ASN B 187 15.19 -6.19 -20.34
C ASN B 187 14.23 -6.03 -19.15
N ILE B 188 14.72 -5.96 -17.91
CA ILE B 188 13.90 -5.80 -16.71
C ILE B 188 14.57 -4.79 -15.76
N GLY B 189 13.83 -4.03 -14.98
CA GLY B 189 14.38 -3.05 -14.07
C GLY B 189 13.46 -2.63 -12.92
N TYR B 190 14.03 -2.00 -11.91
CA TYR B 190 13.46 -1.56 -10.67
C TYR B 190 14.10 -0.27 -10.17
N VAL B 191 13.32 0.65 -9.63
CA VAL B 191 13.76 1.92 -9.10
C VAL B 191 12.94 2.09 -7.79
N HIS B 192 13.57 2.34 -6.66
CA HIS B 192 12.85 2.77 -5.47
C HIS B 192 12.74 4.31 -5.59
N THR B 193 11.56 4.75 -6.10
CA THR B 193 11.40 6.18 -6.33
C THR B 193 11.19 7.04 -5.10
N GLY B 194 11.23 8.36 -5.25
CA GLY B 194 10.75 9.34 -4.30
C GLY B 194 11.78 10.39 -3.88
N ALA B 195 11.37 11.46 -3.23
CA ALA B 195 12.17 12.52 -2.67
C ALA B 195 12.51 12.15 -1.22
N TYR B 196 13.77 12.15 -0.82
CA TYR B 196 14.23 11.84 0.55
C TYR B 196 15.12 13.00 0.95
N PRO B 197 15.00 13.45 2.19
CA PRO B 197 15.70 14.61 2.70
C PRO B 197 17.19 14.47 2.84
N ASP B 198 17.95 15.56 2.80
CA ASP B 198 19.39 15.55 2.97
C ASP B 198 19.60 16.08 4.38
N ARG B 199 19.80 15.15 5.33
CA ARG B 199 19.71 15.51 6.74
C ARG B 199 21.07 15.94 7.24
N GLN B 200 21.03 16.86 8.19
CA GLN B 200 22.22 17.28 8.92
C GLN B 200 22.81 16.06 9.65
N SER B 201 24.11 16.03 9.76
CA SER B 201 24.86 15.06 10.53
C SER B 201 24.36 15.01 11.96
N GLY B 202 24.11 13.80 12.45
CA GLY B 202 23.63 13.67 13.83
C GLY B 202 22.13 13.62 13.99
N HIS B 203 21.39 13.83 12.89
CA HIS B 203 19.93 13.78 12.91
C HIS B 203 19.53 12.28 12.89
N ASP B 204 18.88 11.87 13.94
CA ASP B 204 18.41 10.46 14.03
C ASP B 204 16.97 10.55 13.52
N PRO B 205 16.71 9.97 12.37
CA PRO B 205 15.44 10.10 11.68
C PRO B 205 14.30 9.41 12.37
N ARG B 206 14.47 8.69 13.49
CA ARG B 206 13.35 8.06 14.18
C ARG B 206 12.68 8.92 15.20
N LEU B 207 13.28 10.07 15.53
CA LEU B 207 12.76 10.92 16.61
C LEU B 207 12.69 12.37 16.17
N PRO B 208 11.94 13.19 16.85
CA PRO B 208 11.75 14.60 16.50
C PRO B 208 13.00 15.47 16.53
N VAL B 209 13.08 16.52 15.74
CA VAL B 209 14.14 17.50 15.86
C VAL B 209 13.57 18.89 16.21
N PRO B 210 14.38 19.68 16.88
CA PRO B 210 14.09 21.05 17.27
C PRO B 210 13.80 21.86 16.00
N GLY B 211 12.78 22.72 15.94
CA GLY B 211 12.50 23.46 14.72
C GLY B 211 13.07 24.89 14.68
N THR B 212 14.03 25.17 15.56
CA THR B 212 14.60 26.49 15.73
C THR B 212 15.63 26.84 14.67
N GLY B 213 16.05 25.98 13.77
CA GLY B 213 16.89 26.39 12.65
C GLY B 213 18.03 25.50 12.28
N LYS B 214 18.75 25.05 13.30
CA LYS B 214 19.97 24.27 13.13
C LYS B 214 19.72 22.85 12.65
N TRP B 215 18.56 22.27 12.82
CA TRP B 215 18.33 20.89 12.37
C TRP B 215 17.61 20.79 11.02
N ASP B 216 17.36 21.94 10.41
CA ASP B 216 16.62 22.01 9.16
C ASP B 216 17.28 21.16 8.08
N TRP B 217 16.53 20.47 7.23
CA TRP B 217 17.12 19.71 6.14
C TRP B 217 17.97 20.66 5.28
N LYS B 218 18.91 20.11 4.56
CA LYS B 218 19.81 20.88 3.73
C LYS B 218 19.24 20.97 2.32
N GLY B 219 18.26 20.12 2.01
CA GLY B 219 17.68 19.97 0.70
C GLY B 219 17.19 18.52 0.52
N LEU B 220 17.16 18.04 -0.72
CA LEU B 220 16.73 16.71 -1.06
C LEU B 220 17.88 15.96 -1.70
N LEU B 221 17.96 14.64 -1.56
CA LEU B 221 19.07 13.88 -2.11
C LEU B 221 18.78 13.73 -3.61
N PRO B 222 19.80 13.60 -4.42
CA PRO B 222 19.66 13.47 -5.85
C PRO B 222 19.11 12.08 -6.16
N PHE B 223 18.53 11.93 -7.34
CA PHE B 223 18.07 10.71 -7.92
C PHE B 223 19.13 9.65 -8.07
N GLU B 224 20.41 9.98 -8.22
CA GLU B 224 21.46 8.96 -8.34
C GLU B 224 21.55 8.16 -7.02
N MET B 225 21.15 8.68 -5.88
CA MET B 225 21.10 7.96 -4.62
C MET B 225 19.95 6.94 -4.52
N ASN B 226 18.91 7.07 -5.35
CA ASN B 226 17.78 6.19 -5.21
C ASN B 226 18.18 4.78 -5.66
N PRO B 227 17.93 3.80 -4.80
CA PRO B 227 18.25 2.40 -5.09
C PRO B 227 17.59 2.00 -6.40
N LYS B 228 18.36 1.37 -7.29
CA LYS B 228 17.87 0.97 -8.59
C LYS B 228 18.68 -0.15 -9.20
N VAL B 229 18.15 -1.04 -10.01
CA VAL B 229 18.93 -2.10 -10.66
C VAL B 229 18.36 -2.37 -12.04
N TYR B 230 19.19 -2.62 -13.02
CA TYR B 230 18.76 -2.90 -14.38
C TYR B 230 19.35 -4.22 -14.85
N ASN B 231 18.52 -5.13 -15.33
CA ASN B 231 19.11 -6.43 -15.75
C ASN B 231 20.06 -7.04 -14.73
N PRO B 232 19.54 -7.34 -13.53
CA PRO B 232 20.25 -8.00 -12.43
C PRO B 232 20.89 -9.32 -12.84
N GLN B 233 22.01 -9.70 -12.24
CA GLN B 233 22.72 -10.95 -12.44
C GLN B 233 21.86 -12.19 -12.22
N SER B 234 20.98 -12.18 -11.24
CA SER B 234 20.05 -13.25 -10.94
C SER B 234 19.03 -13.51 -12.02
N GLY B 235 18.66 -12.53 -12.85
CA GLY B 235 17.59 -12.83 -13.81
C GLY B 235 16.19 -12.55 -13.30
N TYR B 236 16.02 -12.00 -12.09
CA TYR B 236 14.63 -11.68 -11.72
C TYR B 236 14.62 -10.60 -10.66
N ILE B 237 13.48 -9.97 -10.42
CA ILE B 237 13.29 -8.92 -9.43
C ILE B 237 12.06 -9.34 -8.61
N ALA B 238 12.20 -9.43 -7.26
CA ALA B 238 11.00 -9.75 -6.48
C ALA B 238 10.91 -8.83 -5.27
N ASN B 239 9.68 -8.53 -4.85
CA ASN B 239 9.54 -7.60 -3.73
C ASN B 239 8.19 -7.84 -3.06
N TRP B 240 8.15 -7.61 -1.75
CA TRP B 240 6.86 -7.78 -1.04
C TRP B 240 6.89 -6.73 0.05
N ASN B 241 7.27 -5.51 -0.35
CA ASN B 241 7.41 -4.37 0.55
C ASN B 241 8.60 -4.56 1.51
N ASN B 242 9.58 -5.34 1.09
CA ASN B 242 10.81 -5.57 1.80
C ASN B 242 11.80 -4.49 1.35
N SER B 243 12.97 -4.59 1.99
CA SER B 243 13.97 -3.59 1.72
C SER B 243 14.45 -3.63 0.28
N PRO B 244 14.67 -2.44 -0.29
CA PRO B 244 15.20 -2.27 -1.64
C PRO B 244 16.63 -2.79 -1.76
N GLN B 245 17.44 -2.50 -0.73
CA GLN B 245 18.87 -2.69 -0.84
C GLN B 245 19.59 -2.63 0.52
N LYS B 246 20.76 -3.27 0.58
CA LYS B 246 21.53 -3.31 1.82
C LYS B 246 21.80 -1.93 2.39
N ASP B 247 21.51 -1.74 3.67
CA ASP B 247 21.74 -0.55 4.45
C ASP B 247 20.71 0.56 4.22
N TYR B 248 19.64 0.30 3.48
CA TYR B 248 18.66 1.37 3.27
C TYR B 248 17.74 1.38 4.46
N PRO B 249 17.58 2.52 5.08
CA PRO B 249 16.73 2.70 6.25
C PRO B 249 15.25 2.81 5.91
N ALA B 250 14.39 2.27 6.73
CA ALA B 250 12.96 2.19 6.52
C ALA B 250 12.25 3.35 7.20
N SER B 251 10.96 3.42 6.94
CA SER B 251 10.05 4.36 7.56
C SER B 251 10.38 4.36 9.05
N ASP B 252 10.12 5.43 9.78
CA ASP B 252 10.28 5.51 11.21
C ASP B 252 9.13 4.90 12.00
N LEU B 253 8.12 4.34 11.35
CA LEU B 253 7.01 3.72 12.09
C LEU B 253 7.51 2.67 13.11
N PHE B 254 6.98 2.74 14.34
CA PHE B 254 7.52 1.80 15.35
C PHE B 254 7.11 0.39 14.98
N ALA B 255 5.90 0.19 14.44
CA ALA B 255 5.46 -1.10 13.99
C ALA B 255 6.00 -1.58 12.65
N PHE B 256 7.00 -0.94 12.03
CA PHE B 256 7.47 -1.42 10.74
C PHE B 256 8.97 -1.66 10.76
N LEU B 257 9.39 -2.84 10.25
CA LEU B 257 10.78 -3.19 10.25
C LEU B 257 11.18 -4.06 9.09
N TRP B 258 12.44 -3.95 8.70
CA TRP B 258 13.06 -4.76 7.66
C TRP B 258 14.13 -5.56 8.41
N GLY B 259 13.85 -6.82 8.67
CA GLY B 259 14.72 -7.71 9.45
C GLY B 259 15.02 -9.01 8.73
N GLY B 260 15.76 -9.90 9.43
CA GLY B 260 16.13 -11.20 8.87
C GLY B 260 14.87 -12.02 8.56
N ALA B 261 13.80 -11.88 9.33
CA ALA B 261 12.52 -12.51 9.04
C ALA B 261 11.72 -11.59 8.10
N ASP B 262 11.48 -11.97 6.86
CA ASP B 262 10.75 -11.20 5.88
C ASP B 262 9.92 -12.05 4.95
N ARG B 263 8.65 -11.73 4.69
CA ARG B 263 7.86 -12.53 3.73
C ARG B 263 8.31 -12.62 2.30
N VAL B 264 9.18 -11.75 1.75
CA VAL B 264 9.64 -11.92 0.36
C VAL B 264 10.43 -13.19 0.15
N THR B 265 11.09 -13.74 1.20
CA THR B 265 11.75 -15.05 1.07
C THR B 265 10.88 -16.16 0.48
N GLU B 266 9.60 -16.19 0.78
CA GLU B 266 8.64 -17.08 0.22
C GLU B 266 8.57 -16.98 -1.30
N ILE B 267 8.76 -15.78 -1.86
CA ILE B 267 8.74 -15.64 -3.31
C ILE B 267 10.07 -16.14 -3.85
N ASP B 268 11.15 -15.65 -3.21
CA ASP B 268 12.47 -16.07 -3.67
C ASP B 268 12.66 -17.57 -3.87
N ARG B 269 12.23 -18.36 -2.86
CA ARG B 269 12.48 -19.81 -3.00
C ARG B 269 11.66 -20.36 -4.13
N LEU B 270 10.45 -19.92 -4.40
CA LEU B 270 9.74 -20.41 -5.59
C LEU B 270 10.46 -19.99 -6.85
N LEU B 271 11.03 -18.80 -6.98
CA LEU B 271 11.69 -18.47 -8.25
C LEU B 271 13.05 -19.15 -8.37
N GLU B 272 13.73 -19.39 -7.26
CA GLU B 272 15.03 -20.07 -7.33
C GLU B 272 14.91 -21.59 -7.48
N GLN B 273 13.76 -22.17 -7.20
CA GLN B 273 13.53 -23.60 -7.34
C GLN B 273 13.67 -24.10 -8.77
N LYS B 274 13.31 -23.32 -9.77
CA LYS B 274 13.37 -23.74 -11.17
C LYS B 274 14.32 -22.83 -11.92
N PRO B 275 15.13 -23.46 -12.75
CA PRO B 275 16.06 -22.77 -13.64
C PRO B 275 15.29 -21.78 -14.51
N ARG B 276 14.27 -22.14 -15.26
CA ARG B 276 13.45 -21.20 -16.00
C ARG B 276 11.99 -21.41 -15.67
N LEU B 277 11.16 -20.39 -15.84
CA LEU B 277 9.72 -20.50 -15.61
C LEU B 277 8.95 -20.09 -16.87
N THR B 278 7.75 -20.60 -17.02
CA THR B 278 6.86 -20.19 -18.11
C THR B 278 5.92 -19.15 -17.50
N ALA B 279 5.04 -18.61 -18.33
CA ALA B 279 4.05 -17.66 -17.88
C ALA B 279 3.08 -18.32 -16.91
N ASP B 280 2.67 -19.53 -17.28
CA ASP B 280 1.75 -20.32 -16.47
C ASP B 280 2.33 -20.65 -15.10
N GLN B 281 3.61 -20.91 -15.01
CA GLN B 281 4.31 -21.03 -13.75
C GLN B 281 4.46 -19.71 -13.03
N ALA B 282 4.71 -18.59 -13.71
CA ALA B 282 4.82 -17.30 -13.02
C ALA B 282 3.44 -16.91 -12.47
N TRP B 283 2.35 -17.25 -13.14
CA TRP B 283 1.04 -16.93 -12.62
C TRP B 283 0.77 -17.76 -11.36
N ASP B 284 1.08 -19.04 -11.41
CA ASP B 284 0.96 -20.00 -10.34
C ASP B 284 1.66 -19.68 -9.03
N VAL B 285 2.71 -18.87 -8.96
CA VAL B 285 3.28 -18.34 -7.73
C VAL B 285 2.26 -17.52 -6.95
N ILE B 286 1.22 -16.96 -7.61
CA ILE B 286 0.18 -16.21 -6.92
C ILE B 286 -0.60 -17.19 -6.05
N ARG B 287 -1.03 -18.33 -6.60
CA ARG B 287 -1.68 -19.36 -5.83
C ARG B 287 -0.85 -19.90 -4.63
N GLN B 288 0.44 -20.23 -4.81
CA GLN B 288 1.21 -20.68 -3.63
C GLN B 288 1.37 -19.65 -2.50
N THR B 289 1.95 -18.49 -2.82
CA THR B 289 2.12 -17.43 -1.85
C THR B 289 0.83 -16.99 -1.22
N SER B 290 -0.29 -16.93 -1.87
CA SER B 290 -1.59 -16.64 -1.29
C SER B 290 -1.90 -17.51 -0.06
N ARG B 291 -1.46 -18.80 -0.12
CA ARG B 291 -1.90 -19.76 0.85
C ARG B 291 -0.81 -20.12 1.86
N GLN B 292 0.40 -19.60 1.74
CA GLN B 292 1.49 -19.90 2.65
C GLN B 292 1.44 -19.31 4.04
N ASP B 293 1.45 -20.12 5.13
CA ASP B 293 1.67 -19.58 6.47
C ASP B 293 3.07 -18.95 6.44
N LEU B 294 3.24 -17.75 6.95
CA LEU B 294 4.47 -17.00 6.97
C LEU B 294 5.31 -17.22 8.24
N ASN B 295 4.75 -17.76 9.33
CA ASN B 295 5.63 -18.00 10.49
C ASN B 295 6.32 -19.36 10.53
N LEU B 296 5.86 -20.38 9.86
CA LEU B 296 6.37 -21.74 9.88
C LEU B 296 7.85 -21.90 9.62
N ARG B 297 8.31 -21.38 8.49
CA ARG B 297 9.69 -21.40 8.05
C ARG B 297 10.56 -20.75 9.12
N LEU B 298 10.11 -19.72 9.81
CA LEU B 298 10.87 -18.95 10.75
C LEU B 298 11.14 -19.66 12.10
N PHE B 299 10.15 -20.28 12.68
CA PHE B 299 10.18 -20.83 14.00
C PHE B 299 10.12 -22.36 14.04
N LEU B 300 10.06 -23.06 12.90
CA LEU B 300 10.05 -24.50 12.93
C LEU B 300 11.35 -25.13 13.44
N PRO B 301 12.50 -24.72 13.00
CA PRO B 301 13.79 -25.13 13.53
C PRO B 301 13.92 -24.99 15.04
N THR B 302 13.57 -23.89 15.68
CA THR B 302 13.55 -23.63 17.10
C THR B 302 12.65 -24.61 17.84
N LEU B 303 11.48 -24.93 17.28
CA LEU B 303 10.53 -25.82 17.90
C LEU B 303 11.02 -27.26 17.86
N GLN B 304 11.70 -27.63 16.79
CA GLN B 304 12.24 -28.95 16.57
C GLN B 304 13.38 -29.25 17.57
N ALA B 305 14.28 -28.29 17.73
CA ALA B 305 15.41 -28.45 18.64
C ALA B 305 14.92 -28.56 20.07
N ALA B 306 13.93 -27.78 20.47
CA ALA B 306 13.45 -27.80 21.82
C ALA B 306 12.75 -29.11 22.20
N THR B 307 12.15 -29.85 21.28
CA THR B 307 11.35 -31.00 21.62
C THR B 307 12.11 -32.26 21.20
N SER B 308 13.36 -32.12 20.78
CA SER B 308 14.16 -33.25 20.35
C SER B 308 14.44 -34.32 21.41
N GLY B 309 14.61 -33.95 22.67
CA GLY B 309 14.73 -34.97 23.70
C GLY B 309 13.41 -35.29 24.37
N LEU B 310 12.25 -35.14 23.74
CA LEU B 310 11.00 -35.47 24.41
C LEU B 310 10.51 -36.86 23.98
N THR B 311 9.75 -37.50 24.85
CA THR B 311 9.15 -38.77 24.52
C THR B 311 7.96 -38.51 23.61
N GLN B 312 7.60 -39.57 22.91
CA GLN B 312 6.51 -39.73 21.96
C GLN B 312 5.13 -39.38 22.49
N SER B 313 4.89 -39.57 23.78
CA SER B 313 3.61 -39.31 24.40
C SER B 313 3.55 -37.94 25.03
N ASP B 314 4.60 -37.13 24.91
CA ASP B 314 4.57 -35.76 25.44
C ASP B 314 3.86 -34.93 24.34
N PRO B 315 2.74 -34.37 24.66
CA PRO B 315 1.91 -33.57 23.77
C PRO B 315 2.57 -32.33 23.15
N ARG B 316 3.52 -31.68 23.82
CA ARG B 316 4.34 -30.62 23.25
C ARG B 316 5.10 -31.14 22.05
N ARG B 317 5.58 -32.39 22.12
CA ARG B 317 6.25 -32.98 20.96
C ARG B 317 5.31 -33.33 19.81
N GLN B 318 4.11 -33.81 20.07
CA GLN B 318 3.11 -34.13 19.07
C GLN B 318 2.72 -32.91 18.23
N LEU B 319 2.55 -31.77 18.91
CA LEU B 319 2.31 -30.49 18.26
C LEU B 319 3.42 -30.20 17.25
N VAL B 320 4.71 -30.33 17.66
CA VAL B 320 5.77 -30.11 16.69
C VAL B 320 5.85 -31.13 15.57
N GLU B 321 5.33 -32.35 15.76
CA GLU B 321 5.41 -33.33 14.67
C GLU B 321 4.35 -33.07 13.62
N THR B 322 3.19 -32.61 14.07
CA THR B 322 2.16 -32.12 13.17
C THR B 322 2.74 -31.00 12.29
N LEU B 323 3.39 -30.00 12.89
CA LEU B 323 4.06 -28.95 12.12
C LEU B 323 5.11 -29.56 11.21
N THR B 324 5.89 -30.56 11.62
CA THR B 324 6.97 -31.07 10.76
C THR B 324 6.46 -31.80 9.54
N ARG B 325 5.24 -32.35 9.59
CA ARG B 325 4.68 -33.00 8.41
C ARG B 325 4.06 -32.05 7.39
N TRP B 326 3.85 -30.78 7.75
CA TRP B 326 3.02 -29.81 7.03
C TRP B 326 3.91 -29.02 6.06
N ASP B 327 3.46 -28.67 4.87
CA ASP B 327 4.31 -27.81 4.02
C ASP B 327 3.96 -26.34 4.26
N GLY B 328 2.95 -26.07 5.08
CA GLY B 328 2.60 -24.71 5.39
C GLY B 328 1.54 -24.12 4.44
N ILE B 329 1.12 -24.88 3.44
CA ILE B 329 0.08 -24.39 2.52
C ILE B 329 -1.30 -24.53 3.14
N ASN B 330 -2.08 -23.49 3.42
CA ASN B 330 -3.42 -23.71 3.97
C ASN B 330 -4.36 -24.11 2.86
N LEU B 331 -5.31 -24.99 3.12
CA LEU B 331 -6.29 -25.42 2.10
C LEU B 331 -7.64 -25.55 2.78
N LEU B 332 -8.74 -25.13 2.21
CA LEU B 332 -10.01 -25.26 2.94
C LEU B 332 -10.50 -26.71 2.96
N ASN B 333 -11.19 -27.17 4.02
CA ASN B 333 -11.85 -28.48 3.95
C ASN B 333 -13.07 -28.29 3.03
N ASP B 334 -13.87 -29.34 2.83
CA ASP B 334 -15.08 -29.33 2.03
C ASP B 334 -16.23 -28.52 2.60
N ASP B 335 -16.22 -28.19 3.85
CA ASP B 335 -17.23 -27.38 4.49
C ASP B 335 -17.11 -25.91 4.16
N GLY B 336 -16.04 -25.51 3.46
CA GLY B 336 -15.79 -24.10 3.19
C GLY B 336 -15.57 -23.22 4.39
N LYS B 337 -15.25 -23.73 5.59
CA LYS B 337 -15.03 -22.83 6.71
C LYS B 337 -13.84 -23.21 7.60
N THR B 338 -13.23 -24.37 7.46
CA THR B 338 -12.14 -24.75 8.33
C THR B 338 -10.92 -25.18 7.50
N TRP B 339 -9.77 -25.00 8.15
CA TRP B 339 -8.55 -25.44 7.43
C TRP B 339 -8.28 -26.93 7.63
N GLN B 340 -7.75 -27.62 6.65
CA GLN B 340 -7.38 -28.99 6.61
C GLN B 340 -6.32 -29.35 7.62
N GLN B 341 -5.34 -28.55 7.96
CA GLN B 341 -4.35 -28.85 8.98
C GLN B 341 -4.40 -27.70 10.00
N PRO B 342 -4.15 -27.92 11.27
CA PRO B 342 -4.26 -26.96 12.35
C PRO B 342 -3.02 -26.13 12.63
N GLY B 343 -2.02 -26.17 11.78
CA GLY B 343 -0.77 -25.44 11.89
C GLY B 343 -0.76 -23.97 12.24
N SER B 344 -1.62 -23.17 11.61
CA SER B 344 -1.67 -21.73 11.82
C SER B 344 -2.31 -21.52 13.16
N ALA B 345 -3.27 -22.34 13.60
CA ALA B 345 -3.79 -22.03 14.96
C ALA B 345 -2.73 -22.34 16.04
N ILE B 346 -1.91 -23.39 15.87
CA ILE B 346 -0.83 -23.72 16.81
C ILE B 346 0.24 -22.63 16.87
N LEU B 347 0.69 -22.15 15.69
CA LEU B 347 1.66 -21.04 15.69
C LEU B 347 1.11 -19.78 16.31
N ASN B 348 -0.17 -19.54 16.04
CA ASN B 348 -0.78 -18.32 16.59
C ASN B 348 -0.75 -18.32 18.11
N VAL B 349 -1.26 -19.41 18.75
CA VAL B 349 -1.23 -19.43 20.22
C VAL B 349 0.19 -19.54 20.76
N TRP B 350 1.07 -20.32 20.09
CA TRP B 350 2.46 -20.37 20.56
C TRP B 350 3.10 -19.00 20.60
N LEU B 351 3.03 -18.29 19.48
CA LEU B 351 3.67 -16.98 19.29
C LEU B 351 3.06 -15.98 20.24
N THR B 352 1.76 -16.02 20.49
CA THR B 352 1.19 -15.08 21.45
C THR B 352 1.80 -15.27 22.83
N SER B 353 1.95 -16.56 23.22
CA SER B 353 2.57 -16.88 24.50
C SER B 353 4.04 -16.55 24.55
N MET B 354 4.77 -16.78 23.48
CA MET B 354 6.20 -16.44 23.40
C MET B 354 6.39 -14.93 23.50
N LEU B 355 5.57 -14.12 22.85
CA LEU B 355 5.77 -12.66 22.91
C LEU B 355 5.45 -12.15 24.29
N LYS B 356 4.37 -12.63 24.88
CA LYS B 356 4.01 -12.22 26.25
C LYS B 356 5.07 -12.61 27.28
N ARG B 357 5.82 -13.70 27.11
CA ARG B 357 6.95 -14.03 27.97
C ARG B 357 8.24 -13.29 27.63
N THR B 358 8.44 -12.73 26.41
CA THR B 358 9.73 -12.17 26.03
C THR B 358 9.74 -10.66 25.81
N VAL B 359 9.36 -10.22 24.58
CA VAL B 359 9.31 -8.84 24.18
C VAL B 359 8.40 -7.99 25.04
N VAL B 360 7.18 -8.43 25.27
CA VAL B 360 6.24 -7.68 26.07
C VAL B 360 6.78 -7.50 27.48
N ALA B 361 7.39 -8.53 28.08
CA ALA B 361 7.92 -8.38 29.44
C ALA B 361 8.99 -7.31 29.54
N ALA B 362 9.83 -7.11 28.54
CA ALA B 362 10.86 -6.08 28.60
C ALA B 362 10.37 -4.65 28.36
N VAL B 363 9.17 -4.42 27.86
CA VAL B 363 8.69 -3.08 27.54
C VAL B 363 7.71 -2.55 28.55
N PRO B 364 7.93 -1.34 29.04
CA PRO B 364 7.08 -0.69 30.03
C PRO B 364 5.69 -0.39 29.53
N MET B 365 4.67 -0.51 30.37
CA MET B 365 3.29 -0.19 30.03
C MET B 365 3.14 1.32 29.83
N PRO B 366 2.36 1.72 28.85
CA PRO B 366 1.53 0.87 28.03
C PRO B 366 2.06 0.57 26.65
N PHE B 367 3.33 0.73 26.41
CA PHE B 367 3.97 0.43 25.13
C PHE B 367 4.10 -1.06 24.87
N ASP B 368 4.01 -1.90 25.90
CA ASP B 368 4.05 -3.33 25.73
C ASP B 368 2.98 -3.86 24.79
N LYS B 369 1.79 -3.31 24.77
CA LYS B 369 0.74 -3.64 23.83
C LYS B 369 1.12 -3.36 22.38
N TRP B 370 2.15 -2.59 22.04
CA TRP B 370 2.58 -2.55 20.65
C TRP B 370 3.25 -3.84 20.20
N TYR B 371 3.74 -4.73 21.10
CA TYR B 371 4.55 -5.84 20.64
C TYR B 371 3.92 -7.19 20.91
N SER B 372 2.66 -7.21 21.27
CA SER B 372 2.00 -8.47 21.58
C SER B 372 1.27 -9.17 20.46
N ALA B 373 1.07 -8.58 19.29
CA ALA B 373 0.20 -9.22 18.30
C ALA B 373 0.98 -10.32 17.59
N SER B 374 0.33 -11.41 17.32
CA SER B 374 1.00 -12.53 16.67
C SER B 374 1.00 -12.34 15.16
N GLY B 375 0.08 -11.55 14.62
CA GLY B 375 0.06 -11.38 13.18
C GLY B 375 -1.07 -12.17 12.58
N TYR B 376 -1.87 -12.82 13.41
CA TYR B 376 -2.98 -13.63 12.92
C TYR B 376 -4.30 -12.95 13.29
N GLU B 377 -4.22 -11.84 14.03
CA GLU B 377 -5.47 -11.19 14.43
C GLU B 377 -6.36 -10.79 13.27
N THR B 378 -7.63 -11.12 13.32
CA THR B 378 -8.63 -10.70 12.35
C THR B 378 -10.01 -10.66 13.03
N THR B 379 -11.04 -10.28 12.27
CA THR B 379 -12.42 -10.49 12.71
C THR B 379 -13.13 -11.48 11.80
N GLN B 380 -14.45 -11.64 11.96
CA GLN B 380 -15.23 -12.56 11.13
C GLN B 380 -15.20 -12.19 9.66
N ASP B 381 -15.11 -10.89 9.34
CA ASP B 381 -14.95 -10.50 7.94
C ASP B 381 -13.57 -10.81 7.41
N GLY B 382 -12.56 -11.11 8.24
CA GLY B 382 -11.24 -11.45 7.73
C GLY B 382 -10.30 -10.25 7.78
N PRO B 383 -9.04 -10.48 7.45
CA PRO B 383 -8.03 -9.43 7.42
C PRO B 383 -8.50 -8.30 6.52
N THR B 384 -8.19 -7.06 6.84
CA THR B 384 -8.45 -5.89 6.04
C THR B 384 -7.31 -5.65 5.05
N GLY B 385 -6.21 -6.38 5.10
CA GLY B 385 -5.12 -6.13 4.14
C GLY B 385 -4.30 -7.42 4.02
N SER B 386 -3.03 -7.30 3.65
CA SER B 386 -2.17 -8.46 3.57
C SER B 386 -1.85 -9.00 4.99
N LEU B 387 -1.54 -10.27 5.00
CA LEU B 387 -0.93 -10.95 6.14
C LEU B 387 0.57 -10.68 6.03
N ASN B 388 1.12 -10.34 7.19
CA ASN B 388 2.57 -10.17 7.31
C ASN B 388 3.08 -10.87 8.60
N ILE B 389 4.37 -10.81 8.83
CA ILE B 389 5.02 -11.24 10.06
C ILE B 389 4.96 -10.08 11.03
N SER B 390 4.38 -10.15 12.21
CA SER B 390 4.32 -9.07 13.15
C SER B 390 5.66 -8.54 13.66
N VAL B 391 5.64 -7.30 14.17
CA VAL B 391 6.85 -6.67 14.64
C VAL B 391 7.47 -7.40 15.85
N GLY B 392 6.65 -7.88 16.79
CA GLY B 392 7.09 -8.65 17.94
C GLY B 392 7.78 -9.92 17.42
N ALA B 393 7.18 -10.56 16.42
CA ALA B 393 7.76 -11.77 15.87
C ALA B 393 9.08 -11.49 15.15
N LYS B 394 9.25 -10.30 14.53
CA LYS B 394 10.53 -10.03 13.87
C LYS B 394 11.61 -9.81 14.94
N ILE B 395 11.29 -9.14 16.03
CA ILE B 395 12.22 -8.90 17.12
C ILE B 395 12.57 -10.24 17.78
N LEU B 396 11.59 -11.10 18.06
CA LEU B 396 11.75 -12.44 18.60
C LEU B 396 12.62 -13.29 17.68
N TYR B 397 12.46 -13.19 16.34
CA TYR B 397 13.31 -13.98 15.46
C TYR B 397 14.78 -13.66 15.63
N GLU B 398 15.16 -12.39 15.79
CA GLU B 398 16.54 -11.99 15.99
C GLU B 398 17.06 -12.58 17.32
N ALA B 399 16.29 -12.54 18.39
CA ALA B 399 16.66 -13.11 19.68
C ALA B 399 16.85 -14.64 19.67
N VAL B 400 16.08 -15.41 18.90
CA VAL B 400 16.30 -16.83 18.83
C VAL B 400 17.45 -17.15 17.88
N GLN B 401 18.02 -16.18 17.18
CA GLN B 401 19.14 -16.45 16.30
C GLN B 401 20.44 -16.36 17.10
N GLY B 402 20.39 -15.80 18.29
CA GLY B 402 21.60 -15.73 19.09
C GLY B 402 22.63 -14.83 18.45
N ASP B 403 23.92 -15.08 18.59
CA ASP B 403 24.95 -14.21 18.03
C ASP B 403 25.10 -14.32 16.53
N LYS B 404 24.19 -15.01 15.86
CA LYS B 404 24.03 -15.06 14.42
C LYS B 404 23.20 -13.86 13.93
N SER B 405 22.61 -13.10 14.85
CA SER B 405 21.86 -11.89 14.51
C SER B 405 22.79 -10.69 14.69
N PRO B 406 22.78 -9.81 13.71
CA PRO B 406 23.59 -8.59 13.72
C PRO B 406 23.08 -7.56 14.72
N ILE B 407 21.91 -7.71 15.33
CA ILE B 407 21.36 -6.75 16.25
C ILE B 407 21.75 -7.07 17.69
N PRO B 408 22.37 -6.11 18.34
CA PRO B 408 22.93 -6.31 19.68
C PRO B 408 21.78 -6.47 20.65
N GLN B 409 21.81 -7.58 21.38
CA GLN B 409 20.78 -7.85 22.37
C GLN B 409 21.13 -7.17 23.69
N ALA B 410 20.71 -5.91 23.78
CA ALA B 410 20.96 -5.07 24.92
C ALA B 410 20.24 -5.58 26.15
N VAL B 411 19.04 -6.11 26.04
CA VAL B 411 18.37 -6.82 27.10
C VAL B 411 18.20 -8.25 26.54
N ASP B 412 18.44 -9.20 27.44
CA ASP B 412 18.23 -10.61 27.07
C ASP B 412 16.73 -10.80 27.18
N LEU B 413 15.99 -11.20 26.26
CA LEU B 413 14.54 -11.29 26.25
C LEU B 413 14.07 -12.58 26.91
N PHE B 414 15.04 -13.55 26.93
CA PHE B 414 14.81 -14.78 27.64
C PHE B 414 15.10 -14.70 29.13
N ALA B 415 15.41 -13.52 29.66
CA ALA B 415 15.70 -13.22 31.04
C ALA B 415 16.52 -14.26 31.80
N GLY B 416 17.68 -14.68 31.30
CA GLY B 416 18.46 -15.66 32.01
C GLY B 416 18.07 -17.10 31.77
N LYS B 417 16.86 -17.46 31.35
CA LYS B 417 16.53 -18.85 31.10
C LYS B 417 17.00 -19.32 29.74
N PRO B 418 17.38 -20.58 29.64
CA PRO B 418 17.70 -21.24 28.39
C PRO B 418 16.50 -21.12 27.45
N GLN B 419 16.74 -20.86 26.20
CA GLN B 419 15.76 -20.70 25.13
C GLN B 419 14.66 -21.76 25.17
N GLN B 420 15.13 -23.01 25.11
CA GLN B 420 14.31 -24.19 25.11
C GLN B 420 13.37 -24.23 26.29
N GLU B 421 13.81 -23.76 27.45
CA GLU B 421 12.84 -23.74 28.54
C GLU B 421 11.69 -22.81 28.26
N VAL B 422 11.93 -21.61 27.71
CA VAL B 422 10.83 -20.70 27.34
C VAL B 422 9.98 -21.23 26.18
N VAL B 423 10.57 -21.89 25.21
CA VAL B 423 9.80 -22.47 24.10
C VAL B 423 8.91 -23.64 24.56
N LEU B 424 9.35 -24.45 25.51
CA LEU B 424 8.56 -25.58 26.04
C LEU B 424 7.45 -25.03 26.90
N ALA B 425 7.71 -24.00 27.70
CA ALA B 425 6.61 -23.43 28.47
C ALA B 425 5.48 -22.89 27.58
N ALA B 426 5.83 -22.18 26.49
CA ALA B 426 4.83 -21.65 25.57
C ALA B 426 4.10 -22.79 24.84
N LEU B 427 4.86 -23.86 24.53
CA LEU B 427 4.22 -24.99 23.89
C LEU B 427 3.24 -25.67 24.86
N GLU B 428 3.41 -25.52 26.18
CA GLU B 428 2.52 -26.11 27.17
C GLU B 428 1.26 -25.28 27.26
N ASP B 429 1.47 -23.98 27.17
CA ASP B 429 0.37 -23.00 27.15
C ASP B 429 -0.48 -23.28 25.90
N THR B 430 0.15 -23.62 24.79
CA THR B 430 -0.54 -23.89 23.53
C THR B 430 -1.36 -25.14 23.64
N TRP B 431 -0.72 -26.22 24.12
CA TRP B 431 -1.46 -27.49 24.29
C TRP B 431 -2.67 -27.33 25.20
N GLU B 432 -2.53 -26.66 26.31
CA GLU B 432 -3.61 -26.41 27.25
C GLU B 432 -4.77 -25.63 26.62
N THR B 433 -4.49 -24.51 25.95
CA THR B 433 -5.51 -23.72 25.28
C THR B 433 -6.26 -24.46 24.19
N LEU B 434 -5.55 -25.06 23.25
CA LEU B 434 -6.22 -25.73 22.14
C LEU B 434 -6.90 -27.03 22.47
N SER B 435 -6.32 -27.86 23.34
CA SER B 435 -6.86 -29.18 23.69
C SER B 435 -8.17 -28.98 24.43
N LYS B 436 -8.26 -27.94 25.22
CA LYS B 436 -9.48 -27.59 25.95
C LYS B 436 -10.64 -27.31 24.99
N ARG B 437 -10.40 -26.66 23.86
CA ARG B 437 -11.46 -26.41 22.90
C ARG B 437 -11.71 -27.56 21.92
N TYR B 438 -10.66 -28.19 21.41
CA TYR B 438 -10.78 -29.24 20.45
C TYR B 438 -10.62 -30.65 20.96
N GLY B 439 -10.02 -30.86 22.13
CA GLY B 439 -9.85 -32.27 22.54
C GLY B 439 -8.41 -32.71 22.24
N ASN B 440 -8.14 -33.99 22.56
CA ASN B 440 -6.81 -34.56 22.54
C ASN B 440 -6.42 -35.20 21.23
N ASN B 441 -7.40 -35.46 20.38
CA ASN B 441 -7.11 -36.03 19.05
C ASN B 441 -6.77 -34.96 18.01
N VAL B 442 -5.49 -34.63 17.88
CA VAL B 442 -4.98 -33.62 17.00
C VAL B 442 -5.42 -33.73 15.54
N SER B 443 -5.64 -34.95 15.08
CA SER B 443 -6.02 -35.31 13.75
C SER B 443 -7.46 -35.01 13.38
N ASN B 444 -8.33 -34.78 14.34
CA ASN B 444 -9.69 -34.42 13.98
C ASN B 444 -9.86 -32.92 14.27
N TRP B 445 -8.79 -32.19 14.60
CA TRP B 445 -8.93 -30.76 14.88
C TRP B 445 -9.32 -29.98 13.61
N LYS B 446 -10.46 -29.35 13.58
CA LYS B 446 -10.98 -28.57 12.47
C LYS B 446 -10.97 -27.10 12.90
N THR B 447 -9.90 -26.38 12.58
CA THR B 447 -9.76 -24.99 12.98
C THR B 447 -10.19 -23.99 11.91
N PRO B 448 -10.69 -22.89 12.37
CA PRO B 448 -11.37 -21.88 11.54
C PRO B 448 -10.45 -21.22 10.54
N ALA B 449 -10.88 -21.26 9.28
CA ALA B 449 -10.26 -20.55 8.18
C ALA B 449 -10.65 -19.07 8.21
N MET B 450 -9.80 -18.24 7.69
CA MET B 450 -9.91 -16.83 7.45
C MET B 450 -10.71 -16.69 6.12
N ALA B 451 -11.65 -15.77 6.15
CA ALA B 451 -12.45 -15.47 4.97
C ALA B 451 -12.01 -14.11 4.39
N LEU B 452 -12.65 -13.69 3.32
CA LEU B 452 -12.37 -12.45 2.59
C LEU B 452 -13.62 -11.66 2.24
N THR B 453 -13.67 -10.40 2.67
CA THR B 453 -14.74 -9.46 2.46
C THR B 453 -14.39 -8.26 1.54
N PHE B 454 -15.14 -8.05 0.48
CA PHE B 454 -15.13 -6.89 -0.40
C PHE B 454 -16.04 -5.85 0.27
N ARG B 455 -15.45 -4.87 0.95
CA ARG B 455 -16.23 -3.92 1.71
C ARG B 455 -16.88 -2.75 0.96
N ALA B 456 -17.99 -2.29 1.48
CA ALA B 456 -18.83 -1.23 0.98
C ALA B 456 -18.26 0.12 1.44
N ASN B 457 -17.51 0.16 2.55
CA ASN B 457 -16.83 1.35 2.97
C ASN B 457 -15.45 1.42 2.31
N ASN B 458 -15.02 2.67 2.04
CA ASN B 458 -13.68 2.70 1.42
C ASN B 458 -12.66 2.66 2.54
N PHE B 459 -11.39 2.71 2.19
CA PHE B 459 -10.31 2.59 3.16
C PHE B 459 -10.36 3.62 4.24
N PHE B 460 -10.98 4.79 4.01
CA PHE B 460 -11.07 5.78 5.07
C PHE B 460 -12.17 5.41 6.06
N GLY B 461 -13.07 4.48 5.76
CA GLY B 461 -14.15 4.25 6.77
C GLY B 461 -15.43 4.98 6.29
N VAL B 462 -15.46 5.43 5.05
CA VAL B 462 -16.60 6.13 4.47
C VAL B 462 -17.30 5.25 3.43
N PRO B 463 -18.60 5.20 3.49
CA PRO B 463 -19.43 4.47 2.56
C PRO B 463 -19.18 4.91 1.12
N GLN B 464 -18.98 3.93 0.26
CA GLN B 464 -18.91 4.20 -1.16
C GLN B 464 -19.86 3.27 -1.90
N ALA B 465 -20.78 2.65 -1.19
CA ALA B 465 -21.76 1.74 -1.74
C ALA B 465 -22.76 1.47 -0.63
N ALA B 466 -23.92 0.87 -0.91
CA ALA B 466 -24.81 0.61 0.24
C ALA B 466 -24.25 -0.65 0.94
N ALA B 467 -24.50 -0.83 2.23
CA ALA B 467 -24.11 -2.00 3.02
C ALA B 467 -24.44 -3.35 2.45
N GLU B 468 -25.56 -3.57 1.75
CA GLU B 468 -25.86 -4.83 1.12
C GLU B 468 -25.00 -5.07 -0.11
N GLU B 469 -24.14 -4.11 -0.45
CA GLU B 469 -23.31 -4.33 -1.64
C GLU B 469 -22.03 -5.05 -1.25
N THR B 470 -21.78 -5.26 0.04
CA THR B 470 -20.64 -6.05 0.51
C THR B 470 -20.63 -7.46 -0.10
N ARG B 471 -19.48 -8.01 -0.51
CA ARG B 471 -19.34 -9.34 -1.07
C ARG B 471 -18.36 -10.11 -0.19
N HIS B 472 -18.62 -11.41 -0.04
CA HIS B 472 -17.86 -12.35 0.76
C HIS B 472 -17.29 -13.49 -0.06
N GLN B 473 -16.05 -13.84 0.20
CA GLN B 473 -15.40 -14.98 -0.48
C GLN B 473 -14.88 -15.90 0.64
N ALA B 474 -15.11 -17.21 0.49
CA ALA B 474 -14.89 -18.18 1.57
C ALA B 474 -13.40 -18.26 1.93
N GLU B 475 -12.50 -18.35 0.99
CA GLU B 475 -11.09 -18.42 1.18
C GLU B 475 -10.35 -17.06 1.12
N TYR B 476 -9.77 -16.64 2.26
CA TYR B 476 -8.83 -15.58 2.41
C TYR B 476 -7.60 -15.92 1.57
N GLN B 477 -7.20 -14.96 0.71
CA GLN B 477 -6.03 -15.21 -0.13
C GLN B 477 -5.06 -14.07 0.12
N ASN B 478 -3.80 -14.33 0.46
CA ASN B 478 -2.84 -13.25 0.74
C ASN B 478 -2.29 -12.76 -0.60
N ARG B 479 -3.08 -11.95 -1.32
CA ARG B 479 -2.71 -11.62 -2.72
C ARG B 479 -3.13 -10.22 -3.12
N GLY B 480 -2.68 -9.78 -4.32
CA GLY B 480 -3.10 -8.47 -4.76
C GLY B 480 -4.61 -8.26 -4.83
N THR B 481 -5.05 -7.03 -4.53
CA THR B 481 -6.40 -6.53 -4.65
C THR B 481 -6.84 -6.76 -6.11
N GLU B 482 -5.86 -6.63 -7.03
CA GLU B 482 -6.04 -7.05 -8.40
C GLU B 482 -4.73 -7.78 -8.77
N ASN B 483 -4.63 -8.61 -9.77
CA ASN B 483 -3.46 -9.22 -10.31
C ASN B 483 -3.35 -8.97 -11.83
N ASP B 484 -2.12 -8.78 -12.34
CA ASP B 484 -2.05 -8.53 -13.80
C ASP B 484 -0.73 -9.18 -14.21
N MET B 485 -0.70 -9.71 -15.44
CA MET B 485 0.51 -10.34 -15.92
C MET B 485 0.69 -9.87 -17.37
N ILE B 486 1.92 -9.52 -17.68
CA ILE B 486 2.32 -9.10 -19.01
C ILE B 486 3.41 -10.04 -19.53
N VAL B 487 3.24 -10.71 -20.64
CA VAL B 487 4.28 -11.55 -21.25
C VAL B 487 4.78 -11.00 -22.59
N PHE B 488 6.06 -10.70 -22.69
CA PHE B 488 6.68 -10.13 -23.87
C PHE B 488 7.42 -11.19 -24.70
N SER B 489 7.28 -11.10 -26.00
CA SER B 489 7.74 -11.96 -27.06
C SER B 489 7.48 -13.45 -26.80
N PRO B 490 6.19 -13.77 -26.72
CA PRO B 490 5.75 -15.13 -26.51
C PRO B 490 6.24 -15.97 -27.66
N THR B 491 6.93 -17.10 -27.47
CA THR B 491 7.18 -18.00 -28.60
C THR B 491 5.91 -18.73 -29.01
N THR B 492 4.81 -18.66 -28.32
CA THR B 492 3.59 -19.37 -28.63
C THR B 492 2.56 -18.60 -29.43
N SER B 493 2.78 -17.32 -29.69
CA SER B 493 1.83 -16.50 -30.43
C SER B 493 2.65 -15.68 -31.42
N ASP B 494 1.98 -14.97 -32.30
CA ASP B 494 2.59 -14.12 -33.31
C ASP B 494 2.66 -12.70 -32.74
N ARG B 495 1.74 -12.46 -31.80
CA ARG B 495 1.68 -11.21 -31.06
C ARG B 495 2.99 -11.00 -30.31
N PRO B 496 3.53 -9.80 -30.34
CA PRO B 496 4.69 -9.39 -29.59
C PRO B 496 4.52 -9.34 -28.07
N VAL B 497 3.29 -9.17 -27.56
CA VAL B 497 2.98 -9.06 -26.16
C VAL B 497 1.71 -9.86 -25.84
N LEU B 498 1.56 -10.43 -24.63
CA LEU B 498 0.24 -10.89 -24.16
C LEU B 498 0.08 -10.40 -22.71
N ALA B 499 -1.07 -9.99 -22.26
CA ALA B 499 -1.29 -9.37 -20.98
C ALA B 499 -2.67 -9.79 -20.44
N TRP B 500 -2.86 -9.92 -19.16
CA TRP B 500 -4.10 -10.34 -18.55
C TRP B 500 -4.23 -9.64 -17.19
N ASP B 501 -5.42 -9.64 -16.63
CA ASP B 501 -5.65 -8.99 -15.35
C ASP B 501 -6.97 -9.47 -14.82
N VAL B 502 -7.50 -8.96 -13.72
CA VAL B 502 -8.81 -9.39 -13.23
C VAL B 502 -9.20 -8.24 -12.33
N VAL B 503 -10.35 -7.62 -12.48
CA VAL B 503 -10.71 -6.43 -11.69
C VAL B 503 -12.04 -6.78 -11.08
N ALA B 504 -12.08 -7.18 -9.81
CA ALA B 504 -13.31 -7.71 -9.19
C ALA B 504 -13.83 -6.74 -8.18
N PRO B 505 -15.12 -6.66 -7.95
CA PRO B 505 -16.14 -7.44 -8.55
C PRO B 505 -16.43 -7.33 -10.05
N GLY B 506 -16.14 -6.15 -10.60
CA GLY B 506 -16.33 -5.93 -12.05
C GLY B 506 -16.02 -4.51 -12.49
N GLN B 507 -16.02 -4.23 -13.79
CA GLN B 507 -15.73 -2.91 -14.31
C GLN B 507 -16.68 -1.83 -13.80
N SER B 508 -17.96 -2.16 -13.72
CA SER B 508 -18.94 -1.18 -13.29
C SER B 508 -19.45 -1.29 -11.86
N GLY B 509 -19.80 -0.11 -11.32
CA GLY B 509 -20.45 -0.04 -10.04
C GLY B 509 -21.88 0.40 -10.26
N PHE B 510 -22.35 0.46 -11.53
CA PHE B 510 -23.65 1.15 -11.69
C PHE B 510 -24.87 0.31 -11.34
N ILE B 511 -25.79 0.96 -10.65
CA ILE B 511 -27.08 0.48 -10.24
C ILE B 511 -28.14 1.57 -10.59
N ALA B 512 -29.09 1.23 -11.45
CA ALA B 512 -30.12 2.18 -11.83
C ALA B 512 -30.99 2.49 -10.64
N PRO B 513 -31.77 3.55 -10.77
CA PRO B 513 -32.72 3.98 -9.75
C PRO B 513 -33.80 2.94 -9.49
N ASP B 514 -34.12 2.05 -10.42
CA ASP B 514 -35.07 0.98 -10.20
C ASP B 514 -34.44 -0.26 -9.56
N GLY B 515 -33.13 -0.27 -9.33
CA GLY B 515 -32.46 -1.38 -8.67
C GLY B 515 -31.82 -2.33 -9.66
N THR B 516 -31.86 -2.00 -10.93
CA THR B 516 -31.29 -2.88 -11.94
C THR B 516 -29.80 -2.68 -11.89
N VAL B 517 -29.06 -3.77 -11.89
CA VAL B 517 -27.61 -3.73 -11.77
C VAL B 517 -26.97 -3.80 -13.14
N ASP B 518 -25.90 -3.01 -13.37
CA ASP B 518 -25.22 -3.09 -14.65
C ASP B 518 -24.84 -4.53 -14.97
N LYS B 519 -24.68 -4.85 -16.24
CA LYS B 519 -24.21 -6.12 -16.74
C LYS B 519 -22.77 -6.45 -16.36
N HIS B 520 -21.94 -5.47 -16.02
CA HIS B 520 -20.56 -5.74 -15.66
C HIS B 520 -20.28 -5.44 -14.20
N TYR B 521 -21.33 -5.55 -13.37
CA TYR B 521 -21.24 -5.25 -11.96
C TYR B 521 -20.53 -6.36 -11.19
N GLU B 522 -20.56 -7.61 -11.62
CA GLU B 522 -19.96 -8.67 -10.83
C GLU B 522 -19.53 -9.83 -11.70
N ASP B 523 -19.14 -9.57 -12.94
CA ASP B 523 -18.81 -10.72 -13.81
C ASP B 523 -17.34 -11.02 -13.70
N GLN B 524 -16.62 -10.52 -12.70
CA GLN B 524 -15.21 -10.89 -12.57
C GLN B 524 -15.00 -11.53 -11.18
N LEU B 525 -15.94 -11.51 -10.30
CA LEU B 525 -15.91 -12.04 -8.95
C LEU B 525 -15.61 -13.52 -8.80
N LYS B 526 -16.19 -14.40 -9.60
CA LYS B 526 -15.87 -15.84 -9.53
C LYS B 526 -14.51 -16.10 -10.14
N MET B 527 -14.17 -15.35 -11.17
CA MET B 527 -12.84 -15.41 -11.78
C MET B 527 -11.72 -15.09 -10.77
N TYR B 528 -11.89 -14.11 -9.91
CA TYR B 528 -10.97 -13.78 -8.85
C TYR B 528 -10.72 -14.98 -7.90
N GLU B 529 -11.77 -15.49 -7.30
CA GLU B 529 -11.71 -16.65 -6.43
C GLU B 529 -11.01 -17.88 -7.02
N ASN B 530 -11.14 -18.22 -8.30
CA ASN B 530 -10.52 -19.38 -8.89
C ASN B 530 -9.14 -19.13 -9.48
N PHE B 531 -8.50 -17.97 -9.26
CA PHE B 531 -7.19 -17.74 -9.85
C PHE B 531 -7.25 -17.62 -11.38
N GLY B 532 -8.40 -17.22 -11.94
CA GLY B 532 -8.51 -17.06 -13.38
C GLY B 532 -8.18 -15.60 -13.76
N ARG B 533 -8.20 -15.29 -15.04
CA ARG B 533 -7.87 -13.99 -15.57
C ARG B 533 -8.45 -13.77 -16.97
N LYS B 534 -8.74 -12.52 -17.29
CA LYS B 534 -9.20 -12.11 -18.60
C LYS B 534 -8.05 -11.46 -19.36
N SER B 535 -8.05 -11.50 -20.67
CA SER B 535 -7.19 -10.82 -21.60
C SER B 535 -7.26 -9.28 -21.61
N LEU B 536 -6.11 -8.62 -21.71
CA LEU B 536 -6.13 -7.15 -21.78
C LEU B 536 -5.89 -6.84 -23.26
N TRP B 537 -6.69 -6.11 -23.96
CA TRP B 537 -6.35 -5.88 -25.39
C TRP B 537 -5.72 -4.50 -25.57
N LEU B 538 -4.87 -4.40 -26.56
CA LEU B 538 -4.16 -3.19 -26.90
C LEU B 538 -4.49 -2.77 -28.35
N THR B 539 -4.17 -3.59 -29.35
CA THR B 539 -4.37 -3.21 -30.73
C THR B 539 -5.82 -3.11 -31.18
N LYS B 540 -6.01 -2.22 -32.16
CA LYS B 540 -7.30 -1.86 -32.75
C LYS B 540 -8.04 -3.10 -33.21
N GLN B 541 -7.34 -3.98 -33.93
CA GLN B 541 -7.92 -5.24 -34.41
C GLN B 541 -8.39 -6.12 -33.27
N ASP B 542 -7.63 -6.28 -32.17
CA ASP B 542 -8.11 -7.01 -31.01
C ASP B 542 -9.24 -6.27 -30.37
N VAL B 543 -9.24 -4.95 -30.24
CA VAL B 543 -10.37 -4.25 -29.62
C VAL B 543 -11.63 -4.39 -30.47
N GLU B 544 -11.51 -4.24 -31.78
CA GLU B 544 -12.66 -4.35 -32.69
C GLU B 544 -13.18 -5.77 -32.66
N ALA B 545 -12.25 -6.74 -32.69
CA ALA B 545 -12.70 -8.13 -32.61
C ALA B 545 -13.44 -8.43 -31.32
N HIS B 546 -13.21 -7.77 -30.19
CA HIS B 546 -13.91 -8.16 -28.97
C HIS B 546 -14.94 -7.16 -28.53
N LYS B 547 -15.23 -6.21 -29.41
CA LYS B 547 -16.11 -5.11 -29.08
C LYS B 547 -17.51 -5.50 -28.65
N GLU B 548 -18.08 -4.96 -27.57
CA GLU B 548 -19.49 -5.30 -27.37
C GLU B 548 -20.37 -4.06 -27.70
N SER B 549 -19.81 -2.86 -27.61
CA SER B 549 -20.55 -1.66 -27.85
C SER B 549 -19.64 -0.49 -28.20
N GLN B 550 -20.25 0.52 -28.84
CA GLN B 550 -19.57 1.69 -29.33
C GLN B 550 -20.36 2.97 -29.12
N GLU B 551 -19.72 4.06 -28.74
CA GLU B 551 -20.39 5.34 -28.53
C GLU B 551 -19.44 6.40 -29.08
N VAL B 552 -19.97 7.31 -29.89
CA VAL B 552 -19.13 8.36 -30.49
C VAL B 552 -19.68 9.71 -30.04
N LEU B 553 -18.82 10.61 -29.63
CA LEU B 553 -19.22 11.94 -29.16
C LEU B 553 -18.60 12.98 -30.09
N HIS B 554 -19.21 14.15 -30.18
CA HIS B 554 -18.59 15.21 -31.02
C HIS B 554 -18.48 16.41 -30.11
N VAL B 555 -17.30 16.85 -29.70
CA VAL B 555 -17.22 17.95 -28.74
C VAL B 555 -16.17 18.99 -29.15
N GLN B 556 -16.43 20.24 -28.81
CA GLN B 556 -15.41 21.24 -29.10
C GLN B 556 -15.17 22.09 -27.86
N ARG B 557 -13.89 22.15 -27.51
CA ARG B 557 -13.46 22.90 -26.34
C ARG B 557 -13.89 24.36 -26.49
#